data_3VW0
#
_entry.id   3VW0
#
_cell.length_a   187.345
_cell.length_b   43.551
_cell.length_c   106.692
_cell.angle_alpha   90.000
_cell.angle_beta   100.210
_cell.angle_gamma   90.000
#
_symmetry.space_group_name_H-M   'C 1 2 1'
#
loop_
_entity.id
_entity.type
_entity.pdbx_description
1 polymer 'Putative regulatory protein'
2 non-polymer 'SULFATE ION'
3 non-polymer DEQUALINIUM
4 water water
#
_entity_poly.entity_id   1
_entity_poly.type   'polypeptide(L)'
_entity_poly.pdbx_seq_one_letter_code
;MVARPKSEDKKQALLEAATQAIAQSGIAASTAVIARNAGVAEGTLFRYFATKDELINTLYLHLKQDLCQSMIMELDRSIT
DAKMMTRFIWNSYISWGLNHPARHRAIRQLAVSEKLTKETEQRADDMFPELRDLCHRSVLMVFMSDEYRAFGDGLFLALA
ETTMDFAARDPARAGEYIALGFEAMWRALTREEQ
;
_entity_poly.pdbx_strand_id   A,B,C,D
#
loop_
_chem_comp.id
_chem_comp.type
_chem_comp.name
_chem_comp.formula
DEQ non-polymer DEQUALINIUM 'C30 H40 N4 2'
SO4 non-polymer 'SULFATE ION' 'O4 S -2'
#
# COMPACT_ATOMS: atom_id res chain seq x y z
N ASP A 9 39.48 -17.06 -38.57
CA ASP A 9 39.30 -18.06 -37.46
C ASP A 9 40.16 -17.66 -36.28
N LYS A 10 40.96 -16.63 -36.53
CA LYS A 10 41.95 -16.15 -35.58
C LYS A 10 41.32 -15.54 -34.29
N LYS A 11 41.40 -14.21 -34.19
CA LYS A 11 40.76 -13.48 -33.10
C LYS A 11 39.27 -13.85 -32.92
N GLN A 12 38.62 -14.24 -34.01
CA GLN A 12 37.21 -14.63 -33.97
C GLN A 12 36.95 -15.75 -32.95
N ALA A 13 37.97 -16.59 -32.75
CA ALA A 13 37.88 -17.74 -31.84
C ALA A 13 37.69 -17.27 -30.40
N LEU A 14 38.61 -16.41 -30.01
CA LEU A 14 38.68 -15.86 -28.69
C LEU A 14 37.43 -15.08 -28.26
N LEU A 15 36.97 -14.20 -29.18
CA LEU A 15 35.81 -13.33 -28.97
C LEU A 15 34.59 -14.10 -28.55
N GLU A 16 34.37 -15.25 -29.16
CA GLU A 16 33.28 -16.12 -28.71
C GLU A 16 33.50 -16.68 -27.28
N ALA A 17 34.70 -17.21 -27.01
CA ALA A 17 35.01 -17.78 -25.71
C ALA A 17 34.88 -16.67 -24.67
N ALA A 18 35.59 -15.56 -24.91
CA ALA A 18 35.38 -14.35 -24.07
C ALA A 18 33.88 -14.01 -23.84
N THR A 19 33.06 -14.08 -24.87
CA THR A 19 31.64 -13.84 -24.71
C THR A 19 31.01 -14.69 -23.64
N GLN A 20 30.97 -15.99 -23.88
CA GLN A 20 30.42 -16.96 -22.92
C GLN A 20 31.01 -16.80 -21.53
N ALA A 21 32.35 -16.76 -21.48
CA ALA A 21 33.07 -16.71 -20.19
C ALA A 21 32.66 -15.50 -19.38
N ILE A 22 32.69 -14.33 -20.01
CA ILE A 22 32.24 -13.09 -19.38
C ILE A 22 30.76 -13.10 -19.10
N ALA A 23 30.00 -13.81 -19.95
CA ALA A 23 28.58 -14.00 -19.68
C ALA A 23 28.35 -14.93 -18.48
N GLN A 24 29.18 -15.99 -18.35
CA GLN A 24 29.08 -16.97 -17.26
C GLN A 24 29.46 -16.41 -15.90
N SER A 25 30.65 -15.83 -15.80
CA SER A 25 31.20 -15.35 -14.50
C SER A 25 31.67 -13.89 -14.42
N GLY A 26 31.27 -13.06 -15.38
CA GLY A 26 31.55 -11.62 -15.27
C GLY A 26 32.84 -11.24 -15.92
N ILE A 27 33.19 -9.97 -15.76
CA ILE A 27 34.40 -9.39 -16.30
C ILE A 27 35.66 -9.96 -15.62
N ALA A 28 35.50 -10.53 -14.43
CA ALA A 28 36.61 -11.20 -13.70
C ALA A 28 37.09 -12.49 -14.38
N ALA A 29 36.35 -12.97 -15.40
CA ALA A 29 36.69 -14.20 -16.08
C ALA A 29 38.14 -14.08 -16.51
N SER A 30 38.93 -15.10 -16.17
CA SER A 30 40.39 -15.10 -16.41
C SER A 30 40.72 -15.27 -17.91
N THR A 31 41.88 -14.73 -18.30
CA THR A 31 42.35 -14.93 -19.65
C THR A 31 42.78 -16.40 -19.88
N ALA A 32 43.00 -17.12 -18.78
CA ALA A 32 43.28 -18.53 -18.79
C ALA A 32 42.06 -19.29 -19.27
N VAL A 33 41.04 -19.32 -18.41
CA VAL A 33 39.70 -19.89 -18.72
C VAL A 33 39.15 -19.56 -20.11
N ILE A 34 39.41 -18.33 -20.58
CA ILE A 34 38.92 -17.88 -21.88
C ILE A 34 39.62 -18.66 -22.99
N ALA A 35 40.96 -18.72 -22.89
CA ALA A 35 41.77 -19.57 -23.81
C ALA A 35 41.32 -21.05 -23.78
N ARG A 36 41.21 -21.64 -22.60
CA ARG A 36 40.77 -23.04 -22.53
C ARG A 36 39.44 -23.21 -23.26
N ASN A 37 38.47 -22.39 -22.88
CA ASN A 37 37.18 -22.44 -23.46
C ASN A 37 37.28 -22.07 -24.92
N ALA A 38 38.48 -21.65 -25.33
CA ALA A 38 38.73 -21.25 -26.72
C ALA A 38 39.50 -22.29 -27.48
N GLY A 39 40.22 -23.14 -26.74
CA GLY A 39 41.09 -24.18 -27.34
C GLY A 39 42.58 -23.83 -27.24
N VAL A 40 42.91 -22.61 -27.66
CA VAL A 40 44.27 -22.12 -27.58
C VAL A 40 44.76 -22.07 -26.11
N ALA A 41 45.93 -21.46 -25.90
CA ALA A 41 46.49 -21.38 -24.55
C ALA A 41 46.63 -19.93 -24.15
N GLU A 42 46.65 -19.68 -22.83
CA GLU A 42 46.59 -18.31 -22.29
C GLU A 42 47.51 -17.39 -23.08
N GLY A 43 48.65 -17.93 -23.50
CA GLY A 43 49.63 -17.18 -24.29
C GLY A 43 49.12 -16.81 -25.68
N THR A 44 48.28 -17.67 -26.24
CA THR A 44 47.72 -17.46 -27.57
C THR A 44 46.75 -16.25 -27.52
N LEU A 45 45.82 -16.25 -26.56
CA LEU A 45 44.92 -15.10 -26.34
C LEU A 45 45.68 -13.77 -26.34
N PHE A 46 46.74 -13.65 -25.55
CA PHE A 46 47.53 -12.42 -25.55
C PHE A 46 48.23 -12.12 -26.87
N ARG A 47 48.22 -13.07 -27.79
CA ARG A 47 48.76 -12.79 -29.10
C ARG A 47 47.88 -11.75 -29.76
N TYR A 48 46.60 -12.09 -29.83
CA TYR A 48 45.61 -11.26 -30.49
C TYR A 48 45.23 -9.96 -29.77
N PHE A 49 45.45 -9.89 -28.45
CA PHE A 49 45.07 -8.72 -27.61
C PHE A 49 46.13 -8.34 -26.58
N ALA A 50 46.84 -7.24 -26.86
CA ALA A 50 47.97 -6.82 -26.04
C ALA A 50 47.71 -7.04 -24.56
N THR A 51 46.58 -6.51 -24.07
CA THR A 51 46.22 -6.62 -22.68
C THR A 51 44.84 -7.23 -22.58
N LYS A 52 44.29 -7.25 -21.36
CA LYS A 52 42.96 -7.76 -21.18
C LYS A 52 41.99 -6.63 -21.44
N ASP A 53 42.33 -5.43 -20.93
CA ASP A 53 41.48 -4.26 -21.14
C ASP A 53 41.30 -4.00 -22.65
N GLU A 54 42.21 -4.50 -23.48
CA GLU A 54 42.10 -4.35 -24.90
C GLU A 54 41.08 -5.35 -25.46
N LEU A 55 40.97 -6.51 -24.79
CA LEU A 55 39.99 -7.56 -25.13
C LEU A 55 38.57 -7.02 -24.81
N ILE A 56 38.45 -6.36 -23.67
CA ILE A 56 37.21 -5.82 -23.23
C ILE A 56 36.66 -4.82 -24.26
N ASN A 57 37.51 -3.88 -24.66
CA ASN A 57 37.14 -2.85 -25.63
C ASN A 57 36.78 -3.46 -26.99
N THR A 58 37.57 -4.39 -27.45
CA THR A 58 37.32 -5.01 -28.71
C THR A 58 36.10 -5.89 -28.62
N LEU A 59 35.94 -6.64 -27.54
CA LEU A 59 34.77 -7.53 -27.45
C LEU A 59 33.48 -6.67 -27.46
N TYR A 60 33.51 -5.60 -26.65
CA TYR A 60 32.40 -4.66 -26.62
C TYR A 60 32.01 -4.13 -28.03
N LEU A 61 32.97 -3.69 -28.77
CA LEU A 61 32.74 -3.20 -30.11
C LEU A 61 32.23 -4.27 -31.04
N HIS A 62 32.65 -5.50 -30.79
CA HIS A 62 32.20 -6.60 -31.64
C HIS A 62 30.72 -6.92 -31.39
N LEU A 63 30.31 -6.96 -30.12
CA LEU A 63 28.92 -7.26 -29.77
C LEU A 63 28.01 -6.09 -30.07
N LYS A 64 28.48 -4.88 -29.75
CA LYS A 64 27.71 -3.72 -30.06
C LYS A 64 27.42 -3.63 -31.56
N GLN A 65 28.43 -3.88 -32.38
CA GLN A 65 28.26 -3.79 -33.83
C GLN A 65 27.23 -4.77 -34.23
N ASP A 66 27.19 -5.89 -33.54
CA ASP A 66 26.24 -6.92 -33.97
C ASP A 66 24.83 -6.60 -33.60
N LEU A 67 24.66 -6.02 -32.41
CA LEU A 67 23.36 -5.56 -31.96
C LEU A 67 22.83 -4.46 -32.91
N CYS A 68 23.65 -3.41 -33.18
CA CYS A 68 23.19 -2.25 -33.97
C CYS A 68 22.74 -2.63 -35.37
N GLN A 69 23.57 -3.43 -36.05
CA GLN A 69 23.24 -3.97 -37.37
C GLN A 69 21.81 -4.48 -37.38
N SER A 70 21.49 -5.33 -36.40
CA SER A 70 20.19 -5.90 -36.23
C SER A 70 19.10 -4.89 -35.89
N MET A 71 19.41 -3.86 -35.10
CA MET A 71 18.43 -2.87 -34.77
C MET A 71 18.16 -2.01 -36.02
N ILE A 72 19.22 -1.68 -36.73
CA ILE A 72 19.16 -0.91 -37.94
C ILE A 72 18.41 -1.69 -39.01
N MET A 73 18.78 -2.97 -39.11
CA MET A 73 18.16 -3.92 -40.05
C MET A 73 16.65 -4.01 -39.88
N GLU A 74 16.16 -3.67 -38.68
CA GLU A 74 14.75 -3.86 -38.32
C GLU A 74 14.03 -2.56 -38.08
N LEU A 75 14.46 -1.49 -38.71
CA LEU A 75 13.85 -0.19 -38.42
C LEU A 75 13.20 0.32 -39.69
N ASP A 76 11.89 0.62 -39.59
CA ASP A 76 11.06 1.09 -40.72
C ASP A 76 10.80 2.58 -40.53
N ARG A 77 11.20 3.40 -41.51
CA ARG A 77 11.16 4.86 -41.34
C ARG A 77 9.74 5.46 -41.35
N SER A 78 8.85 4.76 -42.08
CA SER A 78 7.43 5.10 -42.15
C SER A 78 6.90 5.54 -40.80
N ILE A 79 7.57 5.06 -39.75
CA ILE A 79 7.21 5.29 -38.37
C ILE A 79 7.84 6.62 -37.97
N THR A 80 7.06 7.69 -38.06
CA THR A 80 7.61 9.00 -37.85
C THR A 80 7.63 9.39 -36.40
N ASP A 81 6.46 9.34 -35.74
CA ASP A 81 6.33 9.67 -34.31
C ASP A 81 7.51 9.15 -33.44
N ALA A 82 8.21 10.07 -32.79
CA ALA A 82 9.40 9.70 -31.96
C ALA A 82 9.09 8.63 -30.90
N LYS A 83 7.95 8.80 -30.23
CA LYS A 83 7.50 7.80 -29.27
C LYS A 83 7.52 6.39 -29.92
N MET A 84 6.65 6.18 -30.91
CA MET A 84 6.54 4.87 -31.54
C MET A 84 7.85 4.41 -32.09
N MET A 85 8.77 5.35 -32.25
CA MET A 85 10.03 5.07 -32.89
C MET A 85 10.83 4.25 -31.94
N THR A 86 11.03 4.82 -30.75
CA THR A 86 11.81 4.24 -29.70
C THR A 86 11.21 2.92 -29.22
N ARG A 87 9.88 2.81 -29.27
CA ARG A 87 9.22 1.56 -28.89
C ARG A 87 9.58 0.46 -29.89
N PHE A 88 9.62 0.79 -31.18
CA PHE A 88 10.01 -0.19 -32.24
C PHE A 88 11.47 -0.67 -32.07
N ILE A 89 12.31 0.26 -31.62
CA ILE A 89 13.71 -0.01 -31.38
C ILE A 89 13.88 -0.88 -30.14
N TRP A 90 13.20 -0.48 -29.05
CA TRP A 90 13.27 -1.24 -27.81
C TRP A 90 12.89 -2.64 -28.04
N ASN A 91 11.85 -2.80 -28.85
CA ASN A 91 11.47 -4.12 -29.35
C ASN A 91 12.57 -4.86 -30.03
N SER A 92 13.37 -4.16 -30.84
CA SER A 92 14.52 -4.77 -31.53
C SER A 92 15.59 -5.16 -30.53
N TYR A 93 15.76 -4.37 -29.48
CA TYR A 93 16.71 -4.75 -28.41
C TYR A 93 16.30 -6.01 -27.63
N ILE A 94 15.08 -6.00 -27.12
CA ILE A 94 14.54 -7.20 -26.48
C ILE A 94 14.67 -8.47 -27.27
N SER A 95 14.33 -8.44 -28.55
CA SER A 95 14.48 -9.66 -29.42
C SER A 95 15.90 -10.19 -29.51
N TRP A 96 16.84 -9.28 -29.78
CA TRP A 96 18.22 -9.70 -29.92
C TRP A 96 18.71 -10.40 -28.65
N GLY A 97 18.32 -9.84 -27.48
CA GLY A 97 18.76 -10.34 -26.18
C GLY A 97 18.16 -11.68 -25.96
N LEU A 98 16.87 -11.76 -26.25
CA LEU A 98 16.15 -13.04 -26.23
C LEU A 98 16.67 -14.04 -27.21
N ASN A 99 17.23 -13.59 -28.33
CA ASN A 99 17.90 -14.50 -29.28
C ASN A 99 19.28 -14.87 -28.92
N HIS A 100 20.03 -13.97 -28.30
CA HIS A 100 21.40 -14.27 -27.86
C HIS A 100 21.63 -13.89 -26.37
N PRO A 101 21.08 -14.68 -25.44
CA PRO A 101 21.20 -14.32 -23.99
C PRO A 101 22.68 -14.14 -23.54
N ALA A 102 23.59 -14.93 -24.07
CA ALA A 102 24.98 -14.79 -23.66
C ALA A 102 25.54 -13.47 -24.15
N ARG A 103 25.49 -13.22 -25.47
CA ARG A 103 25.92 -11.95 -26.00
C ARG A 103 25.37 -10.79 -25.22
N HIS A 104 24.12 -10.88 -24.82
CA HIS A 104 23.55 -9.76 -24.11
C HIS A 104 24.16 -9.64 -22.68
N ARG A 105 24.38 -10.78 -22.01
CA ARG A 105 24.98 -10.76 -20.65
C ARG A 105 26.45 -10.28 -20.71
N ALA A 106 27.12 -10.48 -21.84
CA ALA A 106 28.49 -10.03 -21.97
C ALA A 106 28.46 -8.51 -22.21
N ILE A 107 27.61 -8.05 -23.14
CA ILE A 107 27.45 -6.62 -23.46
C ILE A 107 27.20 -5.86 -22.16
N ARG A 108 26.26 -6.35 -21.35
CA ARG A 108 25.85 -5.68 -20.14
C ARG A 108 27.00 -5.52 -19.14
N GLN A 109 27.79 -6.61 -18.94
CA GLN A 109 28.98 -6.60 -18.13
C GLN A 109 29.94 -5.55 -18.64
N LEU A 110 30.26 -5.61 -19.95
CA LEU A 110 31.20 -4.71 -20.60
C LEU A 110 30.69 -3.27 -20.57
N ALA A 111 29.38 -3.12 -20.68
CA ALA A 111 28.76 -1.80 -20.74
C ALA A 111 29.28 -0.88 -19.67
N VAL A 112 29.62 -1.41 -18.50
CA VAL A 112 30.14 -0.52 -17.45
C VAL A 112 31.22 -1.09 -16.60
N SER A 113 32.27 -1.60 -17.23
CA SER A 113 33.38 -2.10 -16.46
C SER A 113 34.17 -0.95 -15.83
N GLU A 114 34.31 0.17 -16.56
CA GLU A 114 35.39 1.18 -16.29
C GLU A 114 36.59 1.05 -17.24
N LYS A 115 36.63 -0.02 -18.02
CA LYS A 115 37.74 -0.23 -18.91
C LYS A 115 37.50 0.20 -20.39
N LEU A 116 36.25 0.51 -20.72
CA LEU A 116 35.95 0.98 -22.06
C LEU A 116 36.60 2.31 -22.24
N THR A 117 37.38 2.45 -23.31
CA THR A 117 38.12 3.67 -23.53
C THR A 117 37.16 4.69 -24.12
N LYS A 118 37.61 5.92 -24.34
CA LYS A 118 36.75 6.90 -24.94
C LYS A 118 36.54 6.61 -26.44
N GLU A 119 37.61 6.40 -27.19
CA GLU A 119 37.42 6.10 -28.60
C GLU A 119 36.51 4.85 -28.78
N THR A 120 36.48 4.01 -27.77
CA THR A 120 35.59 2.88 -27.81
C THR A 120 34.15 3.34 -27.73
N GLU A 121 33.90 4.29 -26.84
CA GLU A 121 32.58 4.75 -26.60
C GLU A 121 32.15 5.57 -27.77
N GLN A 122 33.07 6.38 -28.29
CA GLN A 122 32.75 7.22 -29.42
C GLN A 122 32.48 6.37 -30.64
N ARG A 123 33.36 5.43 -30.93
CA ARG A 123 33.15 4.58 -32.07
C ARG A 123 31.86 3.76 -31.91
N ALA A 124 31.44 3.58 -30.66
CA ALA A 124 30.20 2.88 -30.29
C ALA A 124 28.95 3.67 -30.72
N ASP A 125 28.96 4.97 -30.46
CA ASP A 125 27.86 5.88 -30.72
C ASP A 125 27.79 6.30 -32.16
N ASP A 126 28.82 6.08 -32.96
CA ASP A 126 28.81 6.47 -34.37
C ASP A 126 28.39 5.31 -35.27
N MET A 127 27.78 4.29 -34.67
CA MET A 127 27.50 3.06 -35.39
C MET A 127 26.04 3.05 -35.82
N PHE A 128 25.24 3.75 -35.02
CA PHE A 128 23.83 4.01 -35.24
C PHE A 128 23.54 5.52 -34.99
N PRO A 129 24.08 6.40 -35.86
CA PRO A 129 24.10 7.86 -35.74
C PRO A 129 22.79 8.50 -35.39
N GLU A 130 21.71 7.89 -35.84
CA GLU A 130 20.44 8.51 -35.64
C GLU A 130 19.87 8.16 -34.28
N LEU A 131 20.11 6.93 -33.83
CA LEU A 131 19.66 6.57 -32.45
C LEU A 131 20.35 7.48 -31.45
N ARG A 132 21.66 7.60 -31.57
CA ARG A 132 22.39 8.54 -30.77
C ARG A 132 21.67 9.86 -30.71
N ASP A 133 21.28 10.40 -31.85
CA ASP A 133 20.70 11.71 -31.91
C ASP A 133 19.37 11.69 -31.21
N LEU A 134 18.62 10.62 -31.46
CA LEU A 134 17.40 10.39 -30.68
C LEU A 134 17.61 10.48 -29.15
N CYS A 135 18.54 9.69 -28.61
CA CYS A 135 18.87 9.77 -27.19
C CYS A 135 19.13 11.20 -26.76
N HIS A 136 20.19 11.81 -27.30
CA HIS A 136 20.61 13.18 -26.97
C HIS A 136 19.48 14.20 -26.89
N ARG A 137 18.43 14.00 -27.70
CA ARG A 137 17.26 14.83 -27.62
C ARG A 137 16.49 14.48 -26.35
N SER A 138 15.74 13.38 -26.39
CA SER A 138 14.88 13.02 -25.26
C SER A 138 15.55 12.10 -24.24
N VAL A 139 16.24 12.63 -23.23
CA VAL A 139 16.80 11.83 -22.19
C VAL A 139 17.36 12.78 -21.15
N LEU A 140 16.99 12.58 -19.89
CA LEU A 140 17.42 13.43 -18.79
C LEU A 140 18.90 13.83 -18.95
N MET A 141 19.16 15.12 -18.96
CA MET A 141 20.48 15.63 -19.15
C MET A 141 21.46 14.83 -18.36
N VAL A 142 21.19 14.63 -17.05
CA VAL A 142 22.18 13.96 -16.15
C VAL A 142 22.57 12.56 -16.71
N PHE A 143 21.70 11.98 -17.49
CA PHE A 143 22.01 10.71 -18.10
C PHE A 143 22.80 10.79 -19.38
N MET A 144 23.03 12.02 -19.88
CA MET A 144 23.97 12.25 -21.00
C MET A 144 25.32 12.74 -20.53
N SER A 145 25.42 13.19 -19.29
CA SER A 145 26.66 13.69 -18.72
C SER A 145 27.82 12.69 -18.80
N ASP A 146 29.05 13.15 -18.61
CA ASP A 146 30.18 12.26 -18.61
C ASP A 146 30.24 11.38 -17.37
N GLU A 147 29.70 11.87 -16.26
CA GLU A 147 29.87 11.16 -14.98
C GLU A 147 28.72 10.22 -14.72
N TYR A 148 27.57 10.43 -15.38
CA TYR A 148 26.42 9.53 -15.24
C TYR A 148 25.88 8.89 -16.48
N ARG A 149 26.59 8.98 -17.60
CA ARG A 149 26.11 8.39 -18.86
C ARG A 149 26.09 6.88 -18.75
N ALA A 150 27.15 6.33 -18.14
CA ALA A 150 27.29 4.91 -17.93
C ALA A 150 26.26 4.33 -16.98
N PHE A 151 25.91 5.11 -15.97
CA PHE A 151 24.85 4.72 -15.04
C PHE A 151 23.49 4.72 -15.73
N GLY A 152 23.25 5.71 -16.54
CA GLY A 152 22.03 5.72 -17.34
C GLY A 152 21.92 4.51 -18.21
N ASP A 153 23.05 4.09 -18.81
CA ASP A 153 23.12 2.84 -19.58
C ASP A 153 22.88 1.57 -18.76
N GLY A 154 23.48 1.51 -17.56
CA GLY A 154 23.24 0.48 -16.57
C GLY A 154 21.77 0.33 -16.27
N LEU A 155 21.11 1.47 -15.95
CA LEU A 155 19.69 1.39 -15.57
C LEU A 155 18.87 0.87 -16.74
N PHE A 156 19.29 1.29 -17.95
CA PHE A 156 18.56 0.91 -19.13
C PHE A 156 18.70 -0.56 -19.37
N LEU A 157 19.93 -1.04 -19.29
CA LEU A 157 20.21 -2.47 -19.40
C LEU A 157 19.49 -3.33 -18.32
N ALA A 158 19.38 -2.81 -17.10
CA ALA A 158 18.80 -3.59 -16.08
C ALA A 158 17.33 -3.81 -16.45
N LEU A 159 16.67 -2.72 -16.82
CA LEU A 159 15.26 -2.75 -17.20
C LEU A 159 15.00 -3.70 -18.40
N ALA A 160 15.81 -3.59 -19.46
CA ALA A 160 15.73 -4.48 -20.60
C ALA A 160 16.00 -5.89 -20.18
N GLU A 161 17.02 -6.09 -19.38
CA GLU A 161 17.39 -7.46 -19.04
C GLU A 161 16.27 -8.10 -18.24
N THR A 162 15.58 -7.33 -17.40
CA THR A 162 14.48 -7.85 -16.61
C THR A 162 13.30 -8.21 -17.51
N THR A 163 13.09 -7.41 -18.57
CA THR A 163 12.03 -7.70 -19.53
C THR A 163 12.37 -9.02 -20.23
N MET A 164 13.60 -9.19 -20.62
CA MET A 164 13.96 -10.37 -21.32
C MET A 164 13.77 -11.61 -20.45
N ASP A 165 14.14 -11.53 -19.16
CA ASP A 165 13.96 -12.68 -18.26
C ASP A 165 12.48 -13.08 -18.09
N PHE A 166 11.63 -12.12 -17.74
CA PHE A 166 10.20 -12.39 -17.61
C PHE A 166 9.59 -12.86 -18.90
N ALA A 167 9.86 -12.13 -19.97
CA ALA A 167 9.28 -12.53 -21.28
C ALA A 167 9.69 -13.97 -21.62
N ALA A 168 10.96 -14.28 -21.42
CA ALA A 168 11.50 -15.63 -21.68
C ALA A 168 10.93 -16.74 -20.83
N ARG A 169 10.68 -16.54 -19.55
CA ARG A 169 10.22 -17.67 -18.71
C ARG A 169 8.69 -17.69 -18.59
N ASP A 170 8.01 -16.79 -19.31
CA ASP A 170 6.56 -16.70 -19.30
C ASP A 170 6.12 -16.20 -20.68
N PRO A 171 6.51 -16.94 -21.75
CA PRO A 171 6.28 -16.50 -23.14
C PRO A 171 4.86 -16.05 -23.33
N ALA A 172 3.94 -16.76 -22.68
CA ALA A 172 2.48 -16.44 -22.76
C ALA A 172 2.19 -14.96 -22.69
N ARG A 173 3.05 -14.20 -22.02
CA ARG A 173 2.80 -12.78 -21.77
C ARG A 173 3.96 -11.90 -22.17
N ALA A 174 4.87 -12.43 -23.00
CA ALA A 174 6.02 -11.68 -23.49
C ALA A 174 5.67 -10.32 -24.05
N GLY A 175 4.57 -10.23 -24.81
CA GLY A 175 4.14 -8.97 -25.39
C GLY A 175 3.77 -7.97 -24.33
N GLU A 176 3.14 -8.42 -23.26
CA GLU A 176 2.84 -7.45 -22.15
C GLU A 176 4.09 -6.95 -21.37
N TYR A 177 5.00 -7.88 -21.03
CA TYR A 177 6.23 -7.51 -20.29
C TYR A 177 7.04 -6.50 -21.09
N ILE A 178 7.20 -6.82 -22.38
CA ILE A 178 7.89 -5.96 -23.34
C ILE A 178 7.27 -4.59 -23.39
N ALA A 179 5.94 -4.58 -23.34
CA ALA A 179 5.18 -3.31 -23.29
C ALA A 179 5.35 -2.58 -21.94
N LEU A 180 5.03 -3.23 -20.79
CA LEU A 180 5.24 -2.60 -19.45
C LEU A 180 6.66 -2.22 -19.28
N GLY A 181 7.55 -3.06 -19.77
CA GLY A 181 8.97 -2.77 -19.71
C GLY A 181 9.35 -1.52 -20.42
N PHE A 182 8.84 -1.38 -21.67
CA PHE A 182 9.05 -0.13 -22.44
C PHE A 182 8.63 1.10 -21.69
N GLU A 183 7.40 1.07 -21.13
CA GLU A 183 6.83 2.23 -20.42
C GLU A 183 7.67 2.61 -19.23
N ALA A 184 8.00 1.60 -18.42
CA ALA A 184 8.80 1.79 -17.22
C ALA A 184 10.14 2.43 -17.64
N MET A 185 10.77 1.83 -18.63
CA MET A 185 12.02 2.39 -19.20
C MET A 185 11.83 3.87 -19.65
N TRP A 186 10.82 4.06 -20.50
CA TRP A 186 10.39 5.38 -20.94
C TRP A 186 10.33 6.34 -19.76
N ARG A 187 9.41 6.18 -18.81
CA ARG A 187 9.33 7.15 -17.67
C ARG A 187 10.62 7.33 -16.90
N ALA A 188 11.39 6.26 -16.80
CA ALA A 188 12.61 6.25 -16.01
C ALA A 188 13.67 7.21 -16.53
N LEU A 189 13.96 7.16 -17.85
CA LEU A 189 15.07 7.98 -18.40
C LEU A 189 14.74 9.03 -19.44
N THR A 190 13.50 9.00 -19.90
CA THR A 190 12.98 9.85 -20.96
C THR A 190 12.63 11.23 -20.43
N ARG A 191 11.63 11.79 -21.10
CA ARG A 191 11.15 13.15 -20.86
C ARG A 191 9.78 13.40 -21.48
N GLU A 192 9.25 14.58 -21.15
CA GLU A 192 7.92 15.10 -21.59
C GLU A 192 8.04 16.35 -22.50
N GLU B 8 20.88 -23.04 17.22
CA GLU B 8 22.20 -23.75 17.29
C GLU B 8 23.31 -22.91 16.64
N ASP B 9 24.33 -22.54 17.38
CA ASP B 9 25.50 -21.89 16.81
C ASP B 9 26.08 -22.78 15.70
N LYS B 10 25.79 -24.08 15.79
CA LYS B 10 26.21 -25.06 14.79
C LYS B 10 25.34 -24.95 13.52
N LYS B 11 24.00 -24.85 13.71
CA LYS B 11 23.06 -24.57 12.65
C LYS B 11 23.50 -23.29 11.96
N GLN B 12 23.71 -22.28 12.81
CA GLN B 12 24.16 -20.95 12.42
C GLN B 12 25.42 -21.00 11.63
N ALA B 13 26.42 -21.70 12.15
CA ALA B 13 27.67 -21.85 11.45
C ALA B 13 27.39 -22.38 10.06
N LEU B 14 26.57 -23.41 9.99
CA LEU B 14 26.14 -23.99 8.70
C LEU B 14 25.43 -22.96 7.80
N LEU B 15 24.48 -22.21 8.33
CA LEU B 15 23.92 -21.13 7.56
C LEU B 15 24.98 -20.10 7.10
N GLU B 16 25.98 -19.77 7.91
CA GLU B 16 27.01 -18.84 7.50
C GLU B 16 27.92 -19.47 6.45
N ALA B 17 28.22 -20.76 6.62
CA ALA B 17 29.09 -21.40 5.67
C ALA B 17 28.37 -21.57 4.31
N ALA B 18 27.09 -21.89 4.40
CA ALA B 18 26.19 -21.97 3.24
C ALA B 18 26.11 -20.64 2.47
N THR B 19 26.07 -19.54 3.22
CA THR B 19 26.08 -18.21 2.66
C THR B 19 27.36 -17.92 1.84
N GLN B 20 28.52 -18.27 2.39
CA GLN B 20 29.77 -17.92 1.72
C GLN B 20 29.93 -18.90 0.60
N ALA B 21 29.63 -20.17 0.84
CA ALA B 21 29.77 -21.14 -0.24
C ALA B 21 28.86 -20.81 -1.43
N ILE B 22 27.61 -20.47 -1.13
CA ILE B 22 26.67 -20.16 -2.22
C ILE B 22 27.02 -18.86 -2.94
N ALA B 23 27.35 -17.85 -2.15
CA ALA B 23 27.89 -16.60 -2.72
C ALA B 23 29.04 -16.85 -3.73
N GLN B 24 29.92 -17.78 -3.42
CA GLN B 24 31.08 -17.95 -4.24
C GLN B 24 30.81 -18.88 -5.45
N SER B 25 29.95 -19.88 -5.27
CA SER B 25 29.78 -20.93 -6.26
C SER B 25 28.37 -21.10 -6.81
N GLY B 26 27.34 -20.59 -6.10
CA GLY B 26 25.97 -20.68 -6.56
C GLY B 26 25.25 -21.77 -5.80
N ILE B 27 23.97 -22.00 -6.12
CA ILE B 27 23.17 -22.99 -5.37
C ILE B 27 23.71 -24.37 -5.59
N ALA B 28 24.55 -24.47 -6.61
CA ALA B 28 25.19 -25.72 -6.92
C ALA B 28 26.43 -25.88 -6.04
N ALA B 29 26.42 -25.36 -4.85
CA ALA B 29 27.61 -25.44 -4.01
C ALA B 29 27.51 -26.72 -3.24
N SER B 30 28.54 -27.54 -3.35
CA SER B 30 28.62 -28.87 -2.75
C SER B 30 28.25 -28.83 -1.26
N THR B 31 27.25 -29.65 -0.89
CA THR B 31 26.83 -29.81 0.50
C THR B 31 27.97 -30.42 1.38
N ALA B 32 28.94 -31.07 0.73
CA ALA B 32 30.15 -31.53 1.42
C ALA B 32 31.04 -30.34 1.75
N VAL B 33 31.34 -29.51 0.72
CA VAL B 33 32.20 -28.34 0.95
C VAL B 33 31.65 -27.43 2.05
N ILE B 34 30.33 -27.34 2.16
CA ILE B 34 29.68 -26.50 3.16
C ILE B 34 30.01 -27.04 4.54
N ALA B 35 30.04 -28.36 4.64
CA ALA B 35 30.21 -29.05 5.90
C ALA B 35 31.67 -28.91 6.44
N ARG B 36 32.62 -29.16 5.55
CA ARG B 36 34.05 -28.96 5.86
C ARG B 36 34.33 -27.53 6.37
N ASN B 37 33.82 -26.51 5.66
CA ASN B 37 33.97 -25.11 6.07
C ASN B 37 33.25 -24.81 7.39
N ALA B 38 32.26 -25.64 7.74
CA ALA B 38 31.54 -25.43 9.00
C ALA B 38 32.12 -26.29 10.14
N GLY B 39 33.14 -27.09 9.78
CA GLY B 39 33.77 -28.01 10.71
C GLY B 39 33.05 -29.31 11.07
N VAL B 40 31.77 -29.41 10.73
CA VAL B 40 30.98 -30.62 10.92
C VAL B 40 31.04 -31.62 9.74
N ALA B 41 30.44 -32.80 9.93
CA ALA B 41 30.45 -33.83 8.84
C ALA B 41 29.14 -33.73 8.05
N GLU B 42 29.27 -34.04 6.76
CA GLU B 42 28.17 -33.95 5.77
C GLU B 42 26.86 -34.48 6.38
N GLY B 43 26.94 -35.47 7.27
CA GLY B 43 25.75 -35.98 7.93
C GLY B 43 25.15 -35.07 8.99
N THR B 44 26.02 -34.29 9.63
CA THR B 44 25.55 -33.36 10.66
C THR B 44 24.57 -32.39 10.02
N LEU B 45 24.91 -32.01 8.78
CA LEU B 45 24.19 -31.02 8.00
C LEU B 45 22.84 -31.58 7.60
N PHE B 46 22.87 -32.77 7.00
CA PHE B 46 21.61 -33.50 6.69
C PHE B 46 20.61 -33.57 7.84
N ARG B 47 21.09 -33.48 9.08
CA ARG B 47 20.12 -33.51 10.15
C ARG B 47 19.42 -32.17 10.32
N TYR B 48 20.06 -31.09 9.86
CA TYR B 48 19.48 -29.72 9.97
C TYR B 48 18.68 -29.30 8.72
N PHE B 49 19.21 -29.71 7.57
CA PHE B 49 18.59 -29.39 6.26
C PHE B 49 18.39 -30.72 5.58
N ALA B 50 17.15 -31.22 5.59
CA ALA B 50 16.87 -32.53 5.03
C ALA B 50 17.41 -32.64 3.58
N THR B 51 17.04 -31.68 2.73
CA THR B 51 17.47 -31.68 1.36
C THR B 51 18.20 -30.39 1.02
N LYS B 52 18.90 -30.38 -0.12
CA LYS B 52 19.51 -29.15 -0.64
C LYS B 52 18.46 -28.05 -0.87
N ASP B 53 17.31 -28.42 -1.43
CA ASP B 53 16.19 -27.46 -1.54
C ASP B 53 15.68 -26.86 -0.25
N GLU B 54 15.69 -27.62 0.81
CA GLU B 54 15.19 -27.13 2.05
C GLU B 54 16.25 -26.14 2.66
N LEU B 55 17.53 -26.40 2.36
CA LEU B 55 18.58 -25.45 2.64
C LEU B 55 18.39 -24.09 1.93
N ILE B 56 18.27 -24.14 0.59
CA ILE B 56 17.93 -22.97 -0.20
C ILE B 56 16.84 -22.15 0.48
N ASN B 57 15.78 -22.83 0.83
CA ASN B 57 14.63 -22.18 1.42
C ASN B 57 14.87 -21.65 2.85
N THR B 58 15.71 -22.33 3.62
CA THR B 58 15.90 -21.86 5.00
C THR B 58 16.91 -20.73 5.00
N LEU B 59 17.96 -20.84 4.18
CA LEU B 59 18.95 -19.77 4.02
C LEU B 59 18.22 -18.46 3.68
N TYR B 60 17.34 -18.57 2.68
CA TYR B 60 16.72 -17.44 2.04
C TYR B 60 15.97 -16.70 3.10
N LEU B 61 15.25 -17.46 3.94
CA LEU B 61 14.46 -16.86 5.04
C LEU B 61 15.34 -16.17 6.06
N HIS B 62 16.51 -16.75 6.31
CA HIS B 62 17.43 -16.29 7.29
C HIS B 62 18.11 -15.02 6.75
N LEU B 63 18.43 -15.00 5.46
CA LEU B 63 19.03 -13.85 4.82
C LEU B 63 17.97 -12.73 4.70
N LYS B 64 16.78 -13.11 4.27
CA LYS B 64 15.69 -12.15 4.13
C LYS B 64 15.33 -11.54 5.47
N GLN B 65 15.34 -12.37 6.52
CA GLN B 65 15.14 -11.87 7.88
C GLN B 65 16.14 -10.77 8.18
N ASP B 66 17.41 -11.14 8.04
CA ASP B 66 18.47 -10.20 8.23
C ASP B 66 18.24 -8.89 7.44
N LEU B 67 17.96 -9.03 6.15
CA LEU B 67 17.71 -7.86 5.30
C LEU B 67 16.61 -6.94 5.90
N CYS B 68 15.48 -7.54 6.25
CA CYS B 68 14.37 -6.82 6.87
C CYS B 68 14.60 -6.24 8.27
N GLN B 69 15.46 -6.84 9.07
CA GLN B 69 15.80 -6.29 10.39
C GLN B 69 16.49 -4.94 10.14
N SER B 70 17.46 -4.89 9.24
CA SER B 70 18.14 -3.61 8.93
C SER B 70 17.17 -2.53 8.52
N MET B 71 16.25 -2.91 7.66
CA MET B 71 15.30 -1.96 7.14
C MET B 71 14.39 -1.39 8.20
N ILE B 72 13.85 -2.28 9.06
CA ILE B 72 12.86 -1.84 10.08
C ILE B 72 13.53 -0.89 11.07
N MET B 73 14.74 -1.26 11.44
CA MET B 73 15.61 -0.54 12.37
C MET B 73 15.90 0.85 11.85
N GLU B 74 16.25 0.95 10.57
CA GLU B 74 16.53 2.27 10.01
C GLU B 74 15.28 3.05 9.63
N LEU B 75 14.11 2.51 9.93
CA LEU B 75 12.92 3.15 9.42
C LEU B 75 12.35 4.12 10.43
N ASP B 76 12.44 5.40 10.11
CA ASP B 76 11.90 6.45 10.95
C ASP B 76 10.35 6.50 10.84
N ARG B 77 9.68 5.88 11.79
CA ARG B 77 8.24 5.75 11.79
C ARG B 77 7.52 7.10 11.91
N SER B 78 8.26 8.16 12.11
CA SER B 78 7.67 9.49 12.13
C SER B 78 7.59 10.11 10.74
N ILE B 79 8.12 9.41 9.72
CA ILE B 79 8.02 9.87 8.35
C ILE B 79 6.63 9.56 7.83
N THR B 80 5.87 10.60 7.53
CA THR B 80 4.48 10.51 7.17
C THR B 80 4.26 10.66 5.67
N ASP B 81 5.36 10.72 4.91
CA ASP B 81 5.34 10.95 3.46
C ASP B 81 5.71 9.68 2.69
N ALA B 82 4.93 9.30 1.68
CA ALA B 82 5.14 8.01 1.03
C ALA B 82 6.46 7.95 0.30
N LYS B 83 6.76 8.96 -0.49
CA LYS B 83 8.00 8.98 -1.22
C LYS B 83 9.21 9.00 -0.24
N MET B 84 9.26 9.94 0.69
CA MET B 84 10.31 9.91 1.69
C MET B 84 10.38 8.54 2.41
N MET B 85 9.24 7.87 2.60
CA MET B 85 9.26 6.57 3.20
C MET B 85 9.93 5.56 2.27
N THR B 86 9.53 5.55 1.00
CA THR B 86 10.16 4.69 0.02
C THR B 86 11.69 4.92 -0.08
N ARG B 87 12.13 6.19 -0.03
CA ARG B 87 13.55 6.53 0.10
C ARG B 87 14.28 5.77 1.21
N PHE B 88 13.66 5.70 2.38
CA PHE B 88 14.29 4.91 3.43
C PHE B 88 14.47 3.45 3.08
N ILE B 89 13.43 2.84 2.50
CA ILE B 89 13.54 1.44 2.15
C ILE B 89 14.61 1.29 1.08
N TRP B 90 14.52 2.11 0.03
CA TRP B 90 15.52 2.06 -1.02
C TRP B 90 16.91 2.20 -0.37
N ASN B 91 17.09 3.22 0.48
CA ASN B 91 18.41 3.40 1.11
C ASN B 91 18.89 2.23 1.92
N SER B 92 18.00 1.67 2.75
CA SER B 92 18.37 0.50 3.57
C SER B 92 18.67 -0.74 2.77
N TYR B 93 17.91 -0.95 1.70
CA TYR B 93 18.14 -2.08 0.86
C TYR B 93 19.50 -1.99 0.21
N ILE B 94 19.84 -0.82 -0.29
CA ILE B 94 21.17 -0.67 -0.88
C ILE B 94 22.38 -0.80 0.09
N SER B 95 22.28 -0.17 1.27
CA SER B 95 23.31 -0.28 2.35
C SER B 95 23.53 -1.70 2.82
N TRP B 96 22.44 -2.45 2.98
CA TRP B 96 22.56 -3.83 3.32
C TRP B 96 23.45 -4.59 2.36
N GLY B 97 23.21 -4.40 1.06
CA GLY B 97 23.97 -5.08 0.02
C GLY B 97 25.39 -4.65 -0.01
N LEU B 98 25.62 -3.32 0.09
CA LEU B 98 27.02 -2.79 0.17
C LEU B 98 27.80 -3.28 1.37
N ASN B 99 27.18 -3.33 2.53
CA ASN B 99 27.82 -3.84 3.75
C ASN B 99 27.79 -5.34 3.89
N HIS B 100 27.08 -6.04 3.02
CA HIS B 100 27.06 -7.51 3.12
C HIS B 100 27.00 -8.12 1.73
N PRO B 101 28.14 -8.05 1.00
CA PRO B 101 28.28 -8.58 -0.38
C PRO B 101 27.96 -10.05 -0.47
N ALA B 102 28.43 -10.84 0.48
CA ALA B 102 28.17 -12.29 0.44
C ALA B 102 26.68 -12.61 0.70
N ARG B 103 26.09 -11.97 1.71
CA ARG B 103 24.73 -12.27 2.04
C ARG B 103 23.88 -11.92 0.85
N HIS B 104 24.28 -10.85 0.19
CA HIS B 104 23.53 -10.35 -0.92
C HIS B 104 23.70 -11.22 -2.16
N ARG B 105 24.91 -11.68 -2.45
CA ARG B 105 25.10 -12.56 -3.61
C ARG B 105 24.26 -13.79 -3.38
N ALA B 106 24.45 -14.35 -2.19
CA ALA B 106 23.78 -15.58 -1.80
C ALA B 106 22.24 -15.47 -1.92
N ILE B 107 21.67 -14.42 -1.34
CA ILE B 107 20.22 -14.25 -1.37
C ILE B 107 19.72 -14.06 -2.80
N ARG B 108 20.56 -13.50 -3.67
CA ARG B 108 20.17 -13.33 -5.06
C ARG B 108 20.04 -14.69 -5.78
N GLN B 109 21.01 -15.58 -5.58
CA GLN B 109 20.95 -16.92 -6.13
C GLN B 109 19.73 -17.63 -5.67
N LEU B 110 19.53 -17.67 -4.37
CA LEU B 110 18.41 -18.41 -3.83
C LEU B 110 17.16 -17.94 -4.52
N ALA B 111 16.96 -16.63 -4.54
CA ALA B 111 15.71 -16.02 -5.04
C ALA B 111 15.53 -16.28 -6.52
N VAL B 112 16.64 -16.52 -7.22
CA VAL B 112 16.60 -16.79 -8.63
C VAL B 112 16.87 -18.27 -8.87
N SER B 113 16.68 -19.10 -7.85
CA SER B 113 16.99 -20.55 -7.96
C SER B 113 15.80 -21.36 -8.52
N GLU B 114 14.62 -20.78 -8.40
CA GLU B 114 13.44 -21.44 -8.91
C GLU B 114 13.01 -22.57 -7.99
N LYS B 115 13.65 -22.67 -6.81
CA LYS B 115 13.36 -23.75 -5.87
C LYS B 115 12.68 -23.25 -4.59
N LEU B 116 12.17 -22.04 -4.60
CA LEU B 116 11.45 -21.51 -3.44
C LEU B 116 9.99 -21.90 -3.35
N THR B 117 9.59 -22.47 -2.24
CA THR B 117 8.21 -22.85 -2.07
C THR B 117 7.34 -21.58 -1.94
N LYS B 118 6.05 -21.68 -2.30
CA LYS B 118 5.10 -20.60 -2.03
C LYS B 118 5.06 -20.38 -0.53
N GLU B 119 5.29 -21.46 0.19
CA GLU B 119 5.26 -21.38 1.63
C GLU B 119 6.37 -20.43 2.02
N THR B 120 7.57 -20.69 1.49
CA THR B 120 8.73 -19.83 1.74
C THR B 120 8.40 -18.38 1.42
N GLU B 121 7.66 -18.12 0.33
CA GLU B 121 7.22 -16.74 0.00
C GLU B 121 6.41 -16.10 1.16
N GLN B 122 5.28 -16.67 1.54
CA GLN B 122 4.43 -16.03 2.52
C GLN B 122 5.12 -15.79 3.85
N ARG B 123 6.14 -16.59 4.14
CA ARG B 123 6.90 -16.41 5.39
C ARG B 123 7.84 -15.21 5.30
N ALA B 124 8.32 -14.93 4.09
CA ALA B 124 9.13 -13.75 3.80
C ALA B 124 8.37 -12.41 3.88
N ASP B 125 7.05 -12.43 3.63
CA ASP B 125 6.22 -11.22 3.84
C ASP B 125 5.98 -10.90 5.30
N ASP B 126 5.60 -11.88 6.10
CA ASP B 126 5.24 -11.66 7.52
C ASP B 126 6.40 -11.03 8.33
N MET B 127 7.49 -10.72 7.63
CA MET B 127 8.66 -10.21 8.28
C MET B 127 8.69 -8.67 8.21
N PHE B 128 7.83 -8.13 7.33
CA PHE B 128 7.66 -6.69 7.16
C PHE B 128 6.29 -6.43 6.54
N PRO B 129 5.23 -6.69 7.30
CA PRO B 129 3.90 -6.60 6.73
C PRO B 129 3.51 -5.15 6.38
N GLU B 130 3.81 -4.19 7.24
CA GLU B 130 3.41 -2.82 6.91
C GLU B 130 4.05 -2.34 5.65
N LEU B 131 4.88 -3.17 5.04
CA LEU B 131 5.66 -2.76 3.87
C LEU B 131 4.85 -2.94 2.62
N ARG B 132 3.94 -3.89 2.64
CA ARG B 132 2.91 -4.07 1.60
C ARG B 132 2.03 -2.83 1.54
N ASP B 133 1.85 -2.20 2.69
CA ASP B 133 1.13 -0.94 2.81
C ASP B 133 1.69 0.13 1.88
N LEU B 134 3.00 0.31 1.82
CA LEU B 134 3.55 1.31 0.91
C LEU B 134 3.18 1.07 -0.55
N CYS B 135 3.36 -0.15 -1.02
CA CYS B 135 3.19 -0.38 -2.44
C CYS B 135 1.79 0.00 -2.86
N HIS B 136 0.81 -0.59 -2.19
CA HIS B 136 -0.58 -0.45 -2.57
C HIS B 136 -1.08 1.00 -2.57
N ARG B 137 -0.22 1.92 -2.15
CA ARG B 137 -0.50 3.35 -2.13
C ARG B 137 0.15 4.01 -3.33
N SER B 138 1.45 3.76 -3.49
CA SER B 138 2.26 4.41 -4.53
C SER B 138 2.35 3.68 -5.88
N VAL B 139 2.40 2.34 -5.88
CA VAL B 139 2.73 1.64 -7.11
C VAL B 139 1.52 1.56 -8.06
N LEU B 140 1.82 1.73 -9.35
CA LEU B 140 0.84 1.60 -10.45
C LEU B 140 0.05 0.34 -10.32
N MET B 141 -1.26 0.46 -10.50
CA MET B 141 -2.21 -0.66 -10.34
C MET B 141 -1.69 -1.89 -11.01
N VAL B 142 -1.29 -1.80 -12.27
CA VAL B 142 -0.82 -2.98 -12.99
C VAL B 142 0.38 -3.74 -12.30
N PHE B 143 1.20 -3.01 -11.55
CA PHE B 143 2.28 -3.66 -10.85
C PHE B 143 1.87 -4.27 -9.50
N MET B 144 0.63 -4.02 -9.08
CA MET B 144 0.03 -4.81 -7.97
C MET B 144 -0.75 -6.04 -8.49
N SER B 145 -1.02 -6.01 -9.79
CA SER B 145 -1.69 -7.05 -10.53
C SER B 145 -1.08 -8.44 -10.21
N ASP B 146 -1.90 -9.47 -10.18
CA ASP B 146 -1.43 -10.80 -9.85
C ASP B 146 -0.51 -11.29 -10.94
N GLU B 147 -0.70 -10.74 -12.13
CA GLU B 147 0.06 -11.18 -13.29
C GLU B 147 1.40 -10.47 -13.44
N TYR B 148 1.50 -9.26 -12.89
CA TYR B 148 2.65 -8.41 -13.14
C TYR B 148 3.35 -7.84 -11.90
N ARG B 149 2.86 -8.13 -10.74
CA ARG B 149 3.57 -7.72 -9.54
C ARG B 149 5.03 -8.34 -9.44
N ALA B 150 5.17 -9.61 -9.77
CA ALA B 150 6.45 -10.18 -9.79
C ALA B 150 7.41 -9.33 -10.67
N PHE B 151 6.88 -8.90 -11.82
CA PHE B 151 7.56 -8.04 -12.74
C PHE B 151 7.86 -6.71 -12.14
N GLY B 152 6.88 -6.15 -11.49
CA GLY B 152 7.12 -4.88 -10.82
C GLY B 152 8.27 -4.97 -9.85
N ASP B 153 8.23 -5.92 -8.93
CA ASP B 153 9.28 -6.04 -7.92
C ASP B 153 10.62 -6.23 -8.61
N GLY B 154 10.60 -7.01 -9.70
CA GLY B 154 11.77 -7.23 -10.50
C GLY B 154 12.44 -5.96 -10.98
N LEU B 155 11.65 -5.07 -11.59
CA LEU B 155 12.18 -3.84 -12.10
C LEU B 155 12.81 -3.06 -10.96
N PHE B 156 12.10 -2.97 -9.85
CA PHE B 156 12.61 -2.26 -8.71
C PHE B 156 13.96 -2.88 -8.32
N LEU B 157 14.00 -4.22 -8.21
CA LEU B 157 15.24 -4.94 -7.88
C LEU B 157 16.40 -4.74 -8.86
N ALA B 158 16.15 -4.78 -10.18
CA ALA B 158 17.24 -4.60 -11.14
C ALA B 158 17.69 -3.17 -11.04
N LEU B 159 16.78 -2.26 -10.84
CA LEU B 159 17.14 -0.90 -10.66
C LEU B 159 18.00 -0.70 -9.38
N ALA B 160 17.61 -1.34 -8.29
CA ALA B 160 18.36 -1.29 -7.04
C ALA B 160 19.72 -1.97 -7.17
N GLU B 161 19.79 -3.05 -7.97
CA GLU B 161 21.07 -3.75 -8.16
C GLU B 161 22.13 -2.93 -9.00
N THR B 162 21.70 -2.26 -10.06
CA THR B 162 22.61 -1.48 -10.80
C THR B 162 23.12 -0.32 -9.98
N THR B 163 22.21 0.34 -9.26
CA THR B 163 22.59 1.43 -8.39
C THR B 163 23.66 0.91 -7.43
N MET B 164 23.51 -0.30 -6.96
CA MET B 164 24.43 -0.86 -6.01
C MET B 164 25.76 -1.19 -6.63
N ASP B 165 25.75 -1.72 -7.83
CA ASP B 165 26.97 -2.00 -8.54
C ASP B 165 27.81 -0.69 -8.63
N PHE B 166 27.13 0.42 -8.97
CA PHE B 166 27.78 1.67 -9.20
C PHE B 166 28.33 2.22 -7.94
N ALA B 167 27.44 2.43 -6.97
CA ALA B 167 27.84 2.86 -5.61
C ALA B 167 29.07 2.12 -5.13
N ALA B 168 29.08 0.81 -5.27
CA ALA B 168 30.21 0.01 -4.86
C ALA B 168 31.45 0.31 -5.70
N ARG B 169 31.42 0.06 -7.02
CA ARG B 169 32.60 0.27 -7.92
C ARG B 169 33.12 1.73 -7.91
N ASP B 170 32.26 2.69 -7.58
CA ASP B 170 32.69 4.10 -7.55
C ASP B 170 32.17 4.76 -6.29
N PRO B 171 32.73 4.37 -5.14
CA PRO B 171 32.37 4.93 -3.79
C PRO B 171 32.18 6.45 -3.80
N ALA B 172 33.16 7.13 -4.38
CA ALA B 172 33.16 8.57 -4.51
C ALA B 172 31.75 9.16 -4.69
N ARG B 173 30.96 8.54 -5.57
CA ARG B 173 29.68 9.14 -6.02
C ARG B 173 28.43 8.43 -5.49
N ALA B 174 28.61 7.37 -4.71
CA ALA B 174 27.49 6.55 -4.25
C ALA B 174 26.21 7.37 -3.94
N GLY B 175 26.35 8.39 -3.11
CA GLY B 175 25.19 9.19 -2.78
C GLY B 175 24.47 9.67 -4.01
N GLU B 176 25.18 10.03 -5.04
CA GLU B 176 24.49 10.54 -6.22
C GLU B 176 23.80 9.41 -7.04
N TYR B 177 24.44 8.26 -7.11
CA TYR B 177 23.86 7.10 -7.79
C TYR B 177 22.59 6.70 -7.09
N ILE B 178 22.63 6.73 -5.76
CA ILE B 178 21.55 6.20 -4.91
C ILE B 178 20.39 7.08 -5.08
N ALA B 179 20.66 8.38 -5.15
CA ALA B 179 19.57 9.35 -5.34
C ALA B 179 19.06 9.22 -6.77
N LEU B 180 19.98 9.15 -7.73
CA LEU B 180 19.62 9.18 -9.15
C LEU B 180 18.80 7.96 -9.40
N GLY B 181 19.23 6.84 -8.83
CA GLY B 181 18.51 5.53 -8.96
C GLY B 181 17.12 5.55 -8.34
N PHE B 182 16.98 6.15 -7.17
CA PHE B 182 15.64 6.25 -6.60
C PHE B 182 14.67 6.99 -7.55
N GLU B 183 15.09 8.13 -8.09
CA GLU B 183 14.14 8.93 -8.89
C GLU B 183 13.82 8.22 -10.15
N ALA B 184 14.80 7.47 -10.64
CA ALA B 184 14.55 6.69 -11.83
C ALA B 184 13.49 5.70 -11.49
N MET B 185 13.64 4.98 -10.37
CA MET B 185 12.63 3.96 -9.98
C MET B 185 11.25 4.58 -9.63
N TRP B 186 11.24 5.72 -8.94
CA TRP B 186 9.97 6.36 -8.64
C TRP B 186 9.16 6.69 -9.91
N ARG B 187 9.80 7.38 -10.87
CA ARG B 187 9.07 7.73 -12.10
C ARG B 187 8.65 6.49 -12.86
N ALA B 188 9.35 5.37 -12.71
CA ALA B 188 9.02 4.19 -13.53
C ALA B 188 7.96 3.29 -12.93
N LEU B 189 7.85 3.31 -11.62
CA LEU B 189 7.00 2.33 -10.96
C LEU B 189 5.79 2.93 -10.29
N THR B 190 5.89 4.24 -10.01
CA THR B 190 4.96 4.95 -9.17
C THR B 190 3.81 5.75 -9.85
N ARG B 191 2.68 5.83 -9.14
CA ARG B 191 1.47 6.55 -9.57
C ARG B 191 1.65 8.03 -9.89
N GLU B 192 0.70 8.53 -10.66
CA GLU B 192 0.60 9.94 -11.07
C GLU B 192 0.30 10.77 -9.83
N ASP C 9 -21.01 41.44 23.98
CA ASP C 9 -21.04 40.99 25.41
C ASP C 9 -20.05 39.85 25.65
N LYS C 10 -20.46 38.64 25.27
CA LYS C 10 -19.64 37.46 25.38
C LYS C 10 -19.85 36.53 24.18
N LYS C 11 -18.77 36.32 23.43
CA LYS C 11 -18.77 35.47 22.23
C LYS C 11 -18.64 33.97 22.56
N GLN C 12 -18.22 33.65 23.78
CA GLN C 12 -18.15 32.25 24.24
C GLN C 12 -19.43 31.47 23.93
N ALA C 13 -20.50 32.21 23.67
CA ALA C 13 -21.84 31.65 23.48
C ALA C 13 -22.04 31.20 22.04
N LEU C 14 -21.33 31.85 21.12
CA LEU C 14 -21.34 31.44 19.72
C LEU C 14 -20.77 30.04 19.55
N LEU C 15 -19.65 29.78 20.29
CA LEU C 15 -19.01 28.44 20.33
C LEU C 15 -19.94 27.33 20.86
N GLU C 16 -20.72 27.60 21.90
CA GLU C 16 -21.62 26.59 22.40
C GLU C 16 -22.76 26.34 21.43
N ALA C 17 -23.26 27.38 20.77
CA ALA C 17 -24.39 27.19 19.83
C ALA C 17 -23.90 26.41 18.63
N ALA C 18 -22.65 26.65 18.23
CA ALA C 18 -21.99 25.89 17.17
C ALA C 18 -21.75 24.42 17.55
N THR C 19 -21.35 24.21 18.81
CA THR C 19 -21.19 22.86 19.38
C THR C 19 -22.45 22.06 19.25
N GLN C 20 -23.58 22.65 19.60
CA GLN C 20 -24.82 21.90 19.64
C GLN C 20 -25.32 21.66 18.24
N ALA C 21 -25.29 22.71 17.44
CA ALA C 21 -25.75 22.68 16.09
C ALA C 21 -25.00 21.62 15.28
N ILE C 22 -23.67 21.59 15.44
CA ILE C 22 -22.82 20.73 14.64
C ILE C 22 -22.98 19.35 15.13
N ALA C 23 -23.34 19.23 16.41
CA ALA C 23 -23.52 17.90 16.96
C ALA C 23 -24.69 17.24 16.27
N GLN C 24 -25.70 18.05 15.93
CA GLN C 24 -26.94 17.50 15.42
C GLN C 24 -26.98 17.49 13.90
N SER C 25 -26.30 18.47 13.28
CA SER C 25 -26.38 18.70 11.83
C SER C 25 -25.02 18.51 11.16
N GLY C 26 -23.97 18.38 11.95
CA GLY C 26 -22.63 18.22 11.41
C GLY C 26 -22.10 19.51 10.84
N ILE C 27 -21.05 19.41 10.05
CA ILE C 27 -20.39 20.59 9.48
C ILE C 27 -21.29 21.38 8.54
N ALA C 28 -22.50 20.88 8.32
CA ALA C 28 -23.44 21.54 7.44
C ALA C 28 -24.33 22.55 8.21
N ALA C 29 -24.13 22.65 9.53
CA ALA C 29 -24.92 23.53 10.37
C ALA C 29 -24.88 24.94 9.84
N SER C 30 -25.99 25.65 9.92
CA SER C 30 -26.07 27.01 9.37
C SER C 30 -25.52 28.01 10.35
N THR C 31 -24.64 28.86 9.82
CA THR C 31 -24.07 29.97 10.59
C THR C 31 -25.20 30.87 11.07
N ALA C 32 -26.30 30.90 10.31
CA ALA C 32 -27.52 31.60 10.74
C ALA C 32 -28.09 30.94 12.01
N VAL C 33 -28.56 29.66 11.88
CA VAL C 33 -29.06 28.83 13.02
C VAL C 33 -28.20 28.98 14.28
N ILE C 34 -26.87 28.98 14.11
CA ILE C 34 -25.91 29.06 15.21
C ILE C 34 -26.11 30.44 15.83
N ALA C 35 -25.94 31.47 14.99
CA ALA C 35 -26.08 32.89 15.43
C ALA C 35 -27.37 33.12 16.24
N ARG C 36 -28.49 32.75 15.63
CA ARG C 36 -29.78 32.86 16.25
C ARG C 36 -29.75 32.27 17.64
N ASN C 37 -29.73 30.95 17.71
CA ASN C 37 -29.63 30.24 18.97
C ASN C 37 -28.62 30.82 19.94
N ALA C 38 -27.59 31.47 19.42
CA ALA C 38 -26.54 31.93 20.29
C ALA C 38 -27.03 33.17 21.01
N GLY C 39 -28.17 33.67 20.55
CA GLY C 39 -28.74 34.90 21.12
C GLY C 39 -28.48 36.14 20.26
N VAL C 40 -27.59 36.03 19.28
CA VAL C 40 -27.23 37.17 18.46
C VAL C 40 -27.79 37.09 17.04
N ALA C 41 -27.20 37.85 16.11
CA ALA C 41 -27.60 37.86 14.72
C ALA C 41 -26.46 37.32 13.89
N GLU C 42 -26.80 36.82 12.71
CA GLU C 42 -25.81 36.23 11.84
C GLU C 42 -24.77 37.25 11.44
N GLY C 43 -25.16 38.50 11.22
CA GLY C 43 -24.18 39.53 10.91
C GLY C 43 -23.12 39.67 12.01
N THR C 44 -23.52 39.41 13.25
CA THR C 44 -22.61 39.54 14.38
C THR C 44 -21.77 38.26 14.55
N LEU C 45 -22.34 37.08 14.21
CA LEU C 45 -21.57 35.81 14.24
C LEU C 45 -20.40 35.90 13.28
N PHE C 46 -20.52 36.78 12.31
CA PHE C 46 -19.42 36.98 11.39
C PHE C 46 -18.50 38.08 11.88
N ARG C 47 -18.83 38.64 13.04
CA ARG C 47 -17.96 39.65 13.67
C ARG C 47 -16.92 38.99 14.59
N TYR C 48 -16.98 37.66 14.68
CA TYR C 48 -16.02 36.91 15.49
C TYR C 48 -15.34 35.82 14.67
N PHE C 49 -15.97 35.45 13.54
CA PHE C 49 -15.41 34.42 12.68
C PHE C 49 -15.39 34.82 11.20
N ALA C 50 -14.24 35.36 10.76
CA ALA C 50 -14.06 35.84 9.39
C ALA C 50 -14.73 34.96 8.31
N THR C 51 -14.72 33.64 8.52
CA THR C 51 -15.41 32.70 7.64
C THR C 51 -16.06 31.59 8.46
N LYS C 52 -16.89 30.79 7.80
CA LYS C 52 -17.39 29.58 8.39
C LYS C 52 -16.23 28.71 8.88
N ASP C 53 -15.11 28.69 8.14
CA ASP C 53 -13.95 27.83 8.48
C ASP C 53 -13.26 28.25 9.78
N GLU C 54 -13.21 29.55 10.02
CA GLU C 54 -12.52 30.06 11.20
C GLU C 54 -13.28 29.67 12.45
N LEU C 55 -14.55 29.33 12.26
CA LEU C 55 -15.36 28.85 13.35
C LEU C 55 -15.06 27.38 13.56
N ILE C 56 -14.97 26.64 12.46
CA ILE C 56 -14.70 25.22 12.46
C ILE C 56 -13.36 24.91 13.16
N ASN C 57 -12.32 25.65 12.75
CA ASN C 57 -11.00 25.49 13.29
C ASN C 57 -10.96 25.97 14.73
N THR C 58 -11.66 27.05 15.08
CA THR C 58 -11.57 27.58 16.44
C THR C 58 -12.39 26.78 17.41
N LEU C 59 -13.55 26.32 16.96
CA LEU C 59 -14.40 25.47 17.78
C LEU C 59 -13.66 24.15 18.07
N TYR C 60 -13.00 23.59 17.04
CA TYR C 60 -12.21 22.37 17.23
C TYR C 60 -11.17 22.44 18.33
N LEU C 61 -10.30 23.45 18.25
CA LEU C 61 -9.30 23.69 19.25
C LEU C 61 -9.96 23.88 20.60
N HIS C 62 -11.15 24.49 20.63
CA HIS C 62 -11.79 24.80 21.90
C HIS C 62 -12.17 23.48 22.57
N LEU C 63 -12.65 22.56 21.73
CA LEU C 63 -13.20 21.33 22.17
C LEU C 63 -12.07 20.36 22.51
N LYS C 64 -11.03 20.35 21.67
CA LYS C 64 -9.94 19.43 21.81
C LYS C 64 -9.12 19.78 23.03
N GLN C 65 -9.17 21.03 23.44
CA GLN C 65 -8.42 21.50 24.57
C GLN C 65 -9.06 20.95 25.84
N ASP C 66 -10.39 20.97 25.89
CA ASP C 66 -11.14 20.46 27.04
C ASP C 66 -10.93 18.96 27.18
N LEU C 67 -11.06 18.24 26.06
CA LEU C 67 -10.89 16.81 26.00
C LEU C 67 -9.45 16.42 26.39
N CYS C 68 -8.48 17.20 25.90
CA CYS C 68 -7.07 16.95 26.25
C CYS C 68 -6.67 17.26 27.68
N GLN C 69 -7.32 18.26 28.28
CA GLN C 69 -7.07 18.61 29.65
C GLN C 69 -7.72 17.62 30.61
N SER C 70 -8.76 16.90 30.17
CA SER C 70 -9.33 15.83 31.00
C SER C 70 -8.50 14.56 31.00
N MET C 71 -7.93 14.22 29.85
CA MET C 71 -7.08 13.05 29.72
C MET C 71 -5.74 13.20 30.42
N ILE C 72 -5.24 14.45 30.46
CA ILE C 72 -3.98 14.75 31.15
C ILE C 72 -4.16 14.74 32.68
N MET C 73 -5.25 15.33 33.14
CA MET C 73 -5.57 15.38 34.56
C MET C 73 -5.82 14.01 35.19
N GLU C 74 -6.02 12.99 34.38
CA GLU C 74 -6.35 11.70 34.96
C GLU C 74 -5.26 10.69 34.94
N LEU C 75 -4.25 10.93 34.10
CA LEU C 75 -3.18 9.94 33.89
C LEU C 75 -2.19 9.85 35.07
N ASP C 76 -2.35 8.80 35.89
CA ASP C 76 -1.51 8.52 37.06
C ASP C 76 -0.09 8.33 36.56
N ARG C 77 0.78 9.25 36.94
CA ARG C 77 2.16 9.22 36.49
C ARG C 77 2.83 7.85 36.75
N SER C 78 2.34 7.10 37.74
CA SER C 78 2.97 5.85 38.13
C SER C 78 2.67 4.70 37.16
N ILE C 79 1.70 4.91 36.26
CA ILE C 79 1.34 3.89 35.28
C ILE C 79 2.40 3.88 34.18
N THR C 80 3.19 2.79 34.16
CA THR C 80 4.37 2.74 33.28
C THR C 80 4.33 1.67 32.18
N ASP C 81 3.36 0.76 32.31
CA ASP C 81 3.13 -0.23 31.28
C ASP C 81 2.36 0.46 30.11
N ALA C 82 2.80 0.22 28.87
CA ALA C 82 2.33 0.97 27.69
C ALA C 82 0.82 0.79 27.43
N LYS C 83 0.36 -0.46 27.41
CA LYS C 83 -1.02 -0.68 27.04
C LYS C 83 -1.84 -0.22 28.19
N MET C 84 -1.46 -0.63 29.40
CA MET C 84 -2.11 -0.13 30.61
C MET C 84 -2.37 1.40 30.61
N MET C 85 -1.40 2.13 30.04
CA MET C 85 -1.44 3.57 29.85
C MET C 85 -2.61 3.98 28.94
N THR C 86 -2.67 3.34 27.77
CA THR C 86 -3.74 3.58 26.75
C THR C 86 -5.14 3.30 27.29
N ARG C 87 -5.30 2.21 28.02
CA ARG C 87 -6.53 1.90 28.70
C ARG C 87 -7.02 3.09 29.53
N PHE C 88 -6.13 3.64 30.34
CA PHE C 88 -6.45 4.84 31.09
C PHE C 88 -6.90 5.96 30.13
N ILE C 89 -6.08 6.19 29.12
CA ILE C 89 -6.37 7.23 28.15
C ILE C 89 -7.72 7.03 27.51
N TRP C 90 -7.92 5.81 26.99
CA TRP C 90 -9.21 5.35 26.40
C TRP C 90 -10.37 5.41 27.38
N ASN C 91 -10.11 5.10 28.65
CA ASN C 91 -11.13 5.23 29.66
C ASN C 91 -11.57 6.67 29.77
N SER C 92 -10.61 7.57 29.88
CA SER C 92 -10.92 8.96 30.14
C SER C 92 -11.59 9.49 28.89
N TYR C 93 -11.11 9.09 27.71
CA TYR C 93 -11.78 9.50 26.49
C TYR C 93 -13.26 9.13 26.40
N ILE C 94 -13.53 7.83 26.52
CA ILE C 94 -14.88 7.35 26.63
C ILE C 94 -15.66 8.12 27.69
N SER C 95 -15.02 8.30 28.85
CA SER C 95 -15.67 8.94 29.95
C SER C 95 -16.03 10.38 29.59
N TRP C 96 -15.10 11.06 28.95
CA TRP C 96 -15.37 12.41 28.54
C TRP C 96 -16.57 12.42 27.55
N GLY C 97 -16.58 11.54 26.58
CA GLY C 97 -17.69 11.45 25.65
C GLY C 97 -19.01 11.23 26.33
N LEU C 98 -19.03 10.29 27.28
CA LEU C 98 -20.25 9.97 28.02
C LEU C 98 -20.71 11.15 28.76
N ASN C 99 -19.75 11.97 29.20
CA ASN C 99 -20.06 13.25 29.86
C ASN C 99 -20.59 14.37 28.96
N HIS C 100 -19.99 14.57 27.80
CA HIS C 100 -20.41 15.66 26.90
C HIS C 100 -20.73 15.15 25.49
N PRO C 101 -21.95 14.56 25.30
CA PRO C 101 -22.28 13.83 24.05
C PRO C 101 -22.23 14.77 22.84
N ALA C 102 -22.88 15.92 22.96
CA ALA C 102 -22.83 16.98 21.96
C ALA C 102 -21.41 17.34 21.71
N ARG C 103 -20.63 17.38 22.77
CA ARG C 103 -19.31 17.95 22.65
C ARG C 103 -18.47 16.97 21.83
N HIS C 104 -18.69 15.68 22.06
CA HIS C 104 -17.90 14.71 21.34
C HIS C 104 -18.37 14.52 19.88
N ARG C 105 -19.68 14.53 19.66
CA ARG C 105 -20.23 14.40 18.33
C ARG C 105 -19.71 15.54 17.49
N ALA C 106 -19.53 16.70 18.14
CA ALA C 106 -19.10 17.89 17.42
C ALA C 106 -17.63 17.77 17.07
N ILE C 107 -16.79 17.30 18.00
CA ILE C 107 -15.35 17.04 17.73
C ILE C 107 -15.22 16.03 16.62
N ARG C 108 -15.99 14.94 16.70
CA ARG C 108 -15.94 13.95 15.69
C ARG C 108 -16.22 14.46 14.27
N GLN C 109 -17.18 15.39 14.10
CA GLN C 109 -17.52 15.97 12.81
C GLN C 109 -16.41 16.93 12.34
N LEU C 110 -15.88 17.71 13.29
CA LEU C 110 -14.80 18.64 12.95
C LEU C 110 -13.50 17.93 12.59
N ALA C 111 -13.20 16.86 13.30
CA ALA C 111 -12.03 16.04 13.03
C ALA C 111 -11.94 15.47 11.56
N VAL C 112 -13.06 15.12 10.96
CA VAL C 112 -13.05 14.57 9.61
C VAL C 112 -13.46 15.57 8.53
N SER C 113 -13.42 16.87 8.87
CA SER C 113 -14.09 17.89 8.02
C SER C 113 -13.25 18.28 6.80
N GLU C 114 -11.96 17.93 6.80
CA GLU C 114 -11.11 18.19 5.63
C GLU C 114 -10.93 19.72 5.42
N LYS C 115 -11.44 20.52 6.35
CA LYS C 115 -11.36 21.98 6.31
C LYS C 115 -10.42 22.45 7.39
N LEU C 116 -9.82 21.50 8.09
CA LEU C 116 -8.97 21.83 9.23
C LEU C 116 -7.53 22.17 8.79
N THR C 117 -7.03 23.33 9.24
CA THR C 117 -5.74 23.84 8.73
C THR C 117 -4.58 23.01 9.26
N LYS C 118 -3.60 22.78 8.38
CA LYS C 118 -2.39 22.04 8.71
C LYS C 118 -1.80 22.55 10.03
N GLU C 119 -2.01 23.84 10.28
CA GLU C 119 -1.52 24.51 11.48
C GLU C 119 -2.36 24.17 12.71
N THR C 120 -3.70 24.17 12.53
CA THR C 120 -4.67 23.81 13.57
C THR C 120 -4.39 22.36 14.00
N GLU C 121 -4.20 21.48 13.03
CA GLU C 121 -3.98 20.09 13.36
C GLU C 121 -2.60 19.92 14.00
N GLN C 122 -1.78 20.95 13.91
CA GLN C 122 -0.49 20.97 14.59
C GLN C 122 -0.65 21.41 16.04
N ARG C 123 -1.39 22.49 16.23
CA ARG C 123 -1.63 23.03 17.56
C ARG C 123 -2.29 21.98 18.46
N ALA C 124 -3.16 21.14 17.88
CA ALA C 124 -3.90 20.13 18.63
C ALA C 124 -2.97 19.03 19.07
N ASP C 125 -2.21 18.48 18.13
CA ASP C 125 -1.32 17.39 18.47
C ASP C 125 -0.35 17.72 19.59
N ASP C 126 -0.13 19.02 19.81
CA ASP C 126 0.83 19.52 20.80
C ASP C 126 0.25 19.63 22.20
N MET C 127 -1.07 19.56 22.30
CA MET C 127 -1.77 19.61 23.57
C MET C 127 -1.54 18.36 24.44
N PHE C 128 -0.90 17.33 23.86
CA PHE C 128 -0.55 16.10 24.57
C PHE C 128 0.65 15.47 23.89
N PRO C 129 1.84 16.08 24.04
CA PRO C 129 3.04 15.55 23.39
C PRO C 129 3.27 14.04 23.59
N GLU C 130 3.00 13.57 24.81
CA GLU C 130 3.31 12.19 25.20
C GLU C 130 2.48 11.18 24.41
N LEU C 131 1.19 11.52 24.26
CA LEU C 131 0.22 10.75 23.46
C LEU C 131 0.49 10.80 21.96
N ARG C 132 0.89 11.94 21.44
CA ARG C 132 1.31 11.99 20.05
C ARG C 132 2.52 11.04 19.80
N ASP C 133 3.53 11.13 20.68
CA ASP C 133 4.76 10.36 20.52
C ASP C 133 4.48 8.86 20.59
N LEU C 134 3.54 8.53 21.46
CA LEU C 134 2.98 7.18 21.50
C LEU C 134 2.40 6.69 20.15
N CYS C 135 1.57 7.49 19.49
CA CYS C 135 0.95 7.04 18.27
C CYS C 135 2.00 6.69 17.23
N HIS C 136 3.12 7.43 17.20
CA HIS C 136 4.20 7.14 16.25
C HIS C 136 4.66 5.68 16.40
N ARG C 137 4.69 5.22 17.64
CA ARG C 137 5.17 3.87 17.95
C ARG C 137 4.17 2.75 17.69
N SER C 138 2.89 2.98 17.93
CA SER C 138 1.98 1.87 17.84
C SER C 138 1.14 1.82 16.59
N VAL C 139 0.65 2.99 16.16
CA VAL C 139 -0.31 3.03 15.07
C VAL C 139 0.37 2.56 13.82
N LEU C 140 -0.39 1.91 12.91
CA LEU C 140 0.08 1.57 11.56
C LEU C 140 0.53 2.81 10.80
N MET C 141 1.69 2.80 10.16
CA MET C 141 2.22 3.96 9.48
C MET C 141 1.24 4.51 8.42
N VAL C 142 0.44 3.60 7.84
CA VAL C 142 -0.57 4.01 6.87
C VAL C 142 -1.55 4.97 7.51
N PHE C 143 -1.81 4.77 8.80
CA PHE C 143 -2.73 5.65 9.48
C PHE C 143 -2.06 6.86 10.06
N MET C 144 -0.76 6.96 9.85
CA MET C 144 -0.04 8.15 10.33
C MET C 144 0.26 9.02 9.14
N SER C 145 0.29 8.40 7.97
CA SER C 145 0.50 9.04 6.67
C SER C 145 -0.38 10.26 6.44
N ASP C 146 0.13 11.19 5.67
CA ASP C 146 -0.59 12.41 5.41
C ASP C 146 -1.85 12.11 4.63
N GLU C 147 -1.84 11.04 3.85
CA GLU C 147 -2.99 10.74 3.00
C GLU C 147 -4.12 10.17 3.85
N TYR C 148 -3.79 9.38 4.85
CA TYR C 148 -4.81 8.60 5.52
C TYR C 148 -4.89 8.84 7.04
N ARG C 149 -4.20 9.88 7.54
CA ARG C 149 -4.26 10.21 8.94
C ARG C 149 -5.72 10.46 9.34
N ALA C 150 -6.38 11.38 8.61
CA ALA C 150 -7.75 11.74 8.90
C ALA C 150 -8.63 10.50 8.92
N PHE C 151 -8.38 9.58 7.99
CA PHE C 151 -9.16 8.34 7.91
C PHE C 151 -8.96 7.52 9.18
N GLY C 152 -7.70 7.35 9.59
CA GLY C 152 -7.38 6.66 10.86
C GLY C 152 -8.01 7.30 12.07
N ASP C 153 -8.04 8.65 12.13
CA ASP C 153 -8.73 9.32 13.23
C ASP C 153 -10.22 8.96 13.17
N GLY C 154 -10.80 9.01 11.96
CA GLY C 154 -12.17 8.66 11.76
C GLY C 154 -12.50 7.27 12.17
N LEU C 155 -11.64 6.29 11.88
CA LEU C 155 -11.96 4.89 12.35
C LEU C 155 -11.89 4.86 13.92
N PHE C 156 -10.99 5.64 14.49
CA PHE C 156 -10.84 5.62 15.91
C PHE C 156 -12.03 6.31 16.56
N LEU C 157 -12.50 7.42 15.99
CA LEU C 157 -13.67 8.09 16.55
C LEU C 157 -14.92 7.23 16.38
N ALA C 158 -14.97 6.42 15.30
CA ALA C 158 -16.14 5.61 15.04
C ALA C 158 -16.18 4.49 16.12
N LEU C 159 -15.06 3.81 16.34
CA LEU C 159 -15.05 2.73 17.33
C LEU C 159 -15.34 3.25 18.70
N ALA C 160 -14.74 4.41 19.01
CA ALA C 160 -14.97 5.09 20.30
C ALA C 160 -16.44 5.54 20.46
N GLU C 161 -17.10 6.00 19.38
CA GLU C 161 -18.48 6.45 19.55
C GLU C 161 -19.45 5.33 19.70
N THR C 162 -19.24 4.26 18.98
CA THR C 162 -20.10 3.09 19.09
C THR C 162 -20.01 2.58 20.54
N THR C 163 -18.80 2.51 21.09
CA THR C 163 -18.58 2.15 22.49
C THR C 163 -19.37 3.02 23.42
N MET C 164 -19.33 4.36 23.21
CA MET C 164 -20.02 5.28 24.12
C MET C 164 -21.55 5.14 24.01
N ASP C 165 -22.05 4.92 22.78
CA ASP C 165 -23.46 4.73 22.54
C ASP C 165 -23.95 3.50 23.27
N PHE C 166 -23.19 2.41 23.18
CA PHE C 166 -23.59 1.18 23.88
C PHE C 166 -23.44 1.28 25.39
N ALA C 167 -22.35 1.87 25.83
CA ALA C 167 -22.15 2.01 27.25
C ALA C 167 -23.23 2.87 27.88
N ALA C 168 -23.57 3.98 27.23
CA ALA C 168 -24.67 4.88 27.65
C ALA C 168 -26.08 4.29 27.58
N ARG C 169 -26.32 3.30 26.74
CA ARG C 169 -27.67 2.82 26.51
C ARG C 169 -27.83 1.53 27.30
N ASP C 170 -26.73 0.89 27.65
CA ASP C 170 -26.81 -0.37 28.41
C ASP C 170 -25.72 -0.37 29.48
N PRO C 171 -25.83 0.56 30.47
CA PRO C 171 -24.83 0.78 31.49
C PRO C 171 -24.52 -0.48 32.27
N ALA C 172 -25.52 -1.35 32.45
CA ALA C 172 -25.27 -2.63 33.13
C ALA C 172 -24.01 -3.36 32.59
N ARG C 173 -23.66 -3.04 31.36
CA ARG C 173 -22.54 -3.74 30.71
C ARG C 173 -21.47 -2.77 30.23
N ALA C 174 -21.59 -1.50 30.67
CA ALA C 174 -20.65 -0.43 30.30
C ALA C 174 -19.18 -0.80 30.29
N GLY C 175 -18.70 -1.43 31.35
CA GLY C 175 -17.29 -1.88 31.41
C GLY C 175 -16.94 -2.87 30.37
N GLU C 176 -17.88 -3.77 30.02
CA GLU C 176 -17.52 -4.78 28.97
C GLU C 176 -17.44 -4.15 27.55
N TYR C 177 -18.36 -3.26 27.25
CA TYR C 177 -18.27 -2.54 26.01
C TYR C 177 -16.98 -1.78 25.94
N ILE C 178 -16.63 -1.10 27.06
CA ILE C 178 -15.37 -0.30 27.05
C ILE C 178 -14.09 -1.10 26.74
N ALA C 179 -14.00 -2.27 27.35
CA ALA C 179 -12.89 -3.23 27.14
C ALA C 179 -12.97 -3.81 25.75
N LEU C 180 -14.16 -4.25 25.36
CA LEU C 180 -14.37 -4.79 24.03
C LEU C 180 -14.03 -3.76 22.93
N GLY C 181 -14.38 -2.51 23.18
CA GLY C 181 -14.09 -1.46 22.27
C GLY C 181 -12.64 -1.13 22.14
N PHE C 182 -11.94 -1.14 23.28
CA PHE C 182 -10.47 -1.00 23.30
C PHE C 182 -9.74 -2.03 22.42
N GLU C 183 -9.97 -3.31 22.66
CA GLU C 183 -9.19 -4.31 21.94
C GLU C 183 -9.41 -4.18 20.47
N ALA C 184 -10.67 -3.97 20.09
CA ALA C 184 -11.08 -3.91 18.68
C ALA C 184 -10.38 -2.73 18.01
N MET C 185 -10.37 -1.60 18.70
CA MET C 185 -9.64 -0.41 18.27
C MET C 185 -8.17 -0.72 18.12
N TRP C 186 -7.60 -1.31 19.18
CA TRP C 186 -6.19 -1.71 19.19
C TRP C 186 -5.81 -2.60 18.00
N ARG C 187 -6.55 -3.68 17.75
CA ARG C 187 -6.23 -4.57 16.61
C ARG C 187 -6.33 -3.81 15.33
N ALA C 188 -7.30 -2.90 15.26
CA ALA C 188 -7.62 -2.21 14.03
C ALA C 188 -6.57 -1.25 13.58
N LEU C 189 -6.00 -0.53 14.53
CA LEU C 189 -5.08 0.55 14.20
C LEU C 189 -3.60 0.34 14.49
N THR C 190 -3.30 -0.58 15.38
CA THR C 190 -1.95 -0.80 15.91
C THR C 190 -1.13 -1.79 15.07
N ARG C 191 0.16 -1.84 15.38
CA ARG C 191 1.15 -2.79 14.85
C ARG C 191 1.19 -4.03 15.73
N GLU C 192 1.93 -5.05 15.26
CA GLU C 192 2.22 -6.29 16.01
C GLU C 192 3.02 -6.15 17.35
N GLU D 8 -50.89 -0.57 -3.48
CA GLU D 8 -49.41 -0.75 -3.68
C GLU D 8 -48.80 0.47 -4.41
N ASP D 9 -49.37 0.86 -5.55
CA ASP D 9 -48.96 2.08 -6.29
C ASP D 9 -48.78 3.29 -5.35
N LYS D 10 -49.83 3.66 -4.63
CA LYS D 10 -49.75 4.74 -3.64
C LYS D 10 -48.94 4.35 -2.37
N LYS D 11 -49.03 3.08 -1.98
CA LYS D 11 -48.19 2.52 -0.91
C LYS D 11 -46.74 2.85 -1.17
N GLN D 12 -46.32 2.70 -2.43
CA GLN D 12 -44.97 2.97 -2.86
C GLN D 12 -44.63 4.46 -2.81
N ALA D 13 -45.58 5.31 -3.21
CA ALA D 13 -45.36 6.77 -3.18
C ALA D 13 -45.16 7.26 -1.78
N LEU D 14 -45.92 6.68 -0.84
CA LEU D 14 -45.83 6.98 0.59
C LEU D 14 -44.45 6.61 1.14
N LEU D 15 -44.02 5.41 0.86
CA LEU D 15 -42.70 4.94 1.19
C LEU D 15 -41.58 5.84 0.68
N GLU D 16 -41.58 6.13 -0.64
CA GLU D 16 -40.56 7.01 -1.17
C GLU D 16 -40.63 8.34 -0.49
N ALA D 17 -41.85 8.84 -0.36
CA ALA D 17 -42.06 10.12 0.32
C ALA D 17 -41.46 10.11 1.72
N ALA D 18 -41.68 8.99 2.42
CA ALA D 18 -41.15 8.72 3.76
C ALA D 18 -39.61 8.59 3.77
N THR D 19 -39.07 7.77 2.86
CA THR D 19 -37.61 7.66 2.72
C THR D 19 -37.01 9.09 2.72
N GLN D 20 -37.52 9.94 1.81
CA GLN D 20 -36.97 11.26 1.57
C GLN D 20 -37.16 12.22 2.72
N ALA D 21 -38.30 12.13 3.38
CA ALA D 21 -38.56 13.08 4.43
C ALA D 21 -37.75 12.68 5.67
N ILE D 22 -37.74 11.38 5.96
CA ILE D 22 -37.02 10.82 7.11
C ILE D 22 -35.53 11.02 6.93
N ALA D 23 -35.07 10.79 5.73
CA ALA D 23 -33.68 11.03 5.40
C ALA D 23 -33.25 12.45 5.79
N GLN D 24 -34.17 13.41 5.76
CA GLN D 24 -33.79 14.80 5.91
C GLN D 24 -34.21 15.39 7.23
N SER D 25 -35.12 14.72 7.93
CA SER D 25 -35.66 15.21 9.19
C SER D 25 -35.76 14.12 10.28
N GLY D 26 -35.28 12.92 9.97
CA GLY D 26 -35.47 11.81 10.89
C GLY D 26 -36.88 11.33 11.08
N ILE D 27 -37.08 10.50 12.10
CA ILE D 27 -38.39 9.96 12.52
C ILE D 27 -39.37 11.06 12.91
N ALA D 28 -38.90 12.23 13.28
CA ALA D 28 -39.76 13.40 13.52
C ALA D 28 -40.45 13.96 12.26
N ALA D 29 -40.36 13.26 11.13
CA ALA D 29 -40.98 13.78 9.90
C ALA D 29 -42.49 13.88 10.02
N SER D 30 -43.05 14.90 9.37
CA SER D 30 -44.50 15.15 9.39
C SER D 30 -45.20 14.16 8.48
N THR D 31 -46.17 13.45 9.10
CA THR D 31 -47.00 12.48 8.42
C THR D 31 -47.72 13.20 7.26
N ALA D 32 -48.16 14.41 7.53
CA ALA D 32 -48.84 15.24 6.53
C ALA D 32 -47.97 15.45 5.32
N VAL D 33 -46.72 15.85 5.56
CA VAL D 33 -45.76 16.12 4.51
C VAL D 33 -45.56 14.88 3.63
N ILE D 34 -45.55 13.72 4.26
CA ILE D 34 -45.28 12.49 3.52
C ILE D 34 -46.52 12.17 2.69
N ALA D 35 -47.67 12.71 3.12
CA ALA D 35 -48.95 12.44 2.47
C ALA D 35 -49.08 13.39 1.29
N ARG D 36 -48.79 14.65 1.57
CA ARG D 36 -48.80 15.66 0.53
C ARG D 36 -47.77 15.34 -0.55
N ASN D 37 -46.53 15.04 -0.21
CA ASN D 37 -45.53 14.66 -1.21
C ASN D 37 -45.90 13.41 -2.01
N ALA D 38 -46.66 12.50 -1.39
CA ALA D 38 -47.07 11.27 -2.04
C ALA D 38 -48.27 11.56 -2.93
N GLY D 39 -49.08 12.51 -2.48
CA GLY D 39 -50.28 12.94 -3.24
C GLY D 39 -51.57 12.34 -2.73
N VAL D 40 -51.60 12.09 -1.44
CA VAL D 40 -52.79 11.64 -0.80
C VAL D 40 -53.02 12.49 0.43
N ALA D 41 -54.23 12.39 0.99
CA ALA D 41 -54.59 13.04 2.21
C ALA D 41 -53.86 12.39 3.42
N GLU D 42 -53.54 13.21 4.43
CA GLU D 42 -52.95 12.68 5.65
C GLU D 42 -53.72 11.45 6.20
N GLY D 43 -55.02 11.37 5.91
CA GLY D 43 -55.83 10.29 6.43
C GLY D 43 -55.60 9.01 5.65
N THR D 44 -55.18 9.13 4.39
CA THR D 44 -54.91 7.95 3.57
C THR D 44 -53.68 7.18 4.11
N LEU D 45 -52.72 7.95 4.63
CA LEU D 45 -51.49 7.38 5.13
C LEU D 45 -51.84 6.49 6.33
N PHE D 46 -52.59 7.06 7.29
CA PHE D 46 -53.02 6.32 8.47
C PHE D 46 -53.93 5.16 8.10
N ARG D 47 -54.47 5.21 6.88
CA ARG D 47 -55.26 4.10 6.34
C ARG D 47 -54.36 3.04 5.73
N TYR D 48 -53.15 3.40 5.42
CA TYR D 48 -52.15 2.44 4.90
C TYR D 48 -51.25 1.76 5.97
N PHE D 49 -50.95 2.53 7.01
CA PHE D 49 -50.02 2.06 7.99
C PHE D 49 -50.55 1.92 9.42
N ALA D 50 -51.71 2.53 9.68
CA ALA D 50 -52.38 2.32 10.97
C ALA D 50 -51.72 3.22 11.99
N THR D 51 -50.38 3.26 11.98
CA THR D 51 -49.66 4.07 12.95
C THR D 51 -48.35 4.51 12.37
N LYS D 52 -47.76 5.50 13.02
CA LYS D 52 -46.44 5.98 12.62
C LYS D 52 -45.39 4.89 12.94
N ASP D 53 -45.50 4.30 14.12
CA ASP D 53 -44.67 3.16 14.47
C ASP D 53 -44.67 2.06 13.41
N GLU D 54 -45.80 1.81 12.80
CA GLU D 54 -45.83 0.80 11.75
C GLU D 54 -45.17 1.28 10.46
N LEU D 55 -45.32 2.58 10.14
CA LEU D 55 -44.68 3.11 8.95
C LEU D 55 -43.14 2.91 9.10
N ILE D 56 -42.65 3.15 10.33
CA ILE D 56 -41.25 2.91 10.64
C ILE D 56 -40.77 1.51 10.24
N ASN D 57 -41.38 0.50 10.86
CA ASN D 57 -41.03 -0.91 10.64
C ASN D 57 -41.20 -1.36 9.22
N THR D 58 -42.29 -0.92 8.60
CA THR D 58 -42.55 -1.22 7.21
C THR D 58 -41.50 -0.55 6.32
N LEU D 59 -41.15 0.69 6.60
CA LEU D 59 -40.17 1.36 5.75
C LEU D 59 -38.77 0.77 5.95
N TYR D 60 -38.44 0.38 7.19
CA TYR D 60 -37.17 -0.18 7.45
C TYR D 60 -37.02 -1.43 6.58
N LEU D 61 -38.00 -2.32 6.68
CA LEU D 61 -38.04 -3.57 5.93
C LEU D 61 -37.95 -3.38 4.44
N HIS D 62 -38.58 -2.33 3.93
CA HIS D 62 -38.54 -1.97 2.53
C HIS D 62 -37.15 -1.56 2.06
N LEU D 63 -36.33 -0.93 2.92
CA LEU D 63 -34.97 -0.47 2.59
C LEU D 63 -33.94 -1.57 2.86
N LYS D 64 -34.11 -2.28 3.95
CA LYS D 64 -33.24 -3.42 4.24
C LYS D 64 -33.28 -4.44 3.04
N GLN D 65 -34.47 -4.57 2.44
CA GLN D 65 -34.70 -5.57 1.42
C GLN D 65 -34.03 -5.02 0.18
N ASP D 66 -34.24 -3.73 -0.08
CA ASP D 66 -33.60 -3.03 -1.19
C ASP D 66 -32.08 -3.11 -1.07
N LEU D 67 -31.58 -3.19 0.17
CA LEU D 67 -30.17 -3.22 0.44
C LEU D 67 -29.63 -4.65 0.29
N CYS D 68 -30.37 -5.62 0.80
CA CYS D 68 -30.02 -7.04 0.68
C CYS D 68 -30.14 -7.58 -0.75
N GLN D 69 -31.08 -7.08 -1.53
CA GLN D 69 -31.18 -7.53 -2.94
C GLN D 69 -29.98 -6.95 -3.70
N SER D 70 -29.44 -5.87 -3.18
CA SER D 70 -28.35 -5.23 -3.87
C SER D 70 -27.02 -5.97 -3.53
N MET D 71 -26.95 -6.58 -2.34
CA MET D 71 -25.77 -7.35 -1.92
C MET D 71 -25.81 -8.76 -2.46
N ILE D 72 -26.98 -9.38 -2.41
CA ILE D 72 -27.22 -10.72 -2.93
C ILE D 72 -26.89 -10.75 -4.42
N MET D 73 -27.46 -9.83 -5.16
CA MET D 73 -27.25 -9.69 -6.59
C MET D 73 -25.74 -9.58 -6.92
N GLU D 74 -24.95 -8.96 -6.04
CA GLU D 74 -23.53 -8.71 -6.35
C GLU D 74 -22.62 -9.78 -5.75
N LEU D 75 -23.16 -10.59 -4.86
CA LEU D 75 -22.35 -11.65 -4.29
C LEU D 75 -22.37 -12.82 -5.24
N ASP D 76 -21.18 -13.25 -5.67
CA ASP D 76 -21.06 -14.42 -6.57
C ASP D 76 -21.12 -15.74 -5.83
N ARG D 77 -22.10 -16.57 -6.19
CA ARG D 77 -22.37 -17.84 -5.54
C ARG D 77 -21.14 -18.71 -5.43
N SER D 78 -20.25 -18.60 -6.43
CA SER D 78 -18.98 -19.36 -6.46
C SER D 78 -18.10 -19.15 -5.23
N ILE D 79 -17.78 -17.88 -4.95
CA ILE D 79 -16.97 -17.48 -3.79
C ILE D 79 -17.33 -18.24 -2.52
N THR D 80 -16.30 -18.80 -1.89
CA THR D 80 -16.49 -19.62 -0.66
C THR D 80 -15.53 -19.25 0.50
N ASP D 81 -14.47 -18.52 0.19
CA ASP D 81 -13.53 -18.02 1.20
C ASP D 81 -14.21 -16.91 2.01
N ALA D 82 -14.26 -17.09 3.34
CA ALA D 82 -14.87 -16.11 4.24
C ALA D 82 -14.42 -14.68 3.93
N LYS D 83 -13.09 -14.47 3.83
CA LYS D 83 -12.56 -13.13 3.68
C LYS D 83 -12.95 -12.48 2.37
N MET D 84 -13.19 -13.28 1.35
CA MET D 84 -13.54 -12.74 0.05
C MET D 84 -15.04 -12.47 0.02
N MET D 85 -15.81 -13.32 0.70
CA MET D 85 -17.27 -13.08 0.77
C MET D 85 -17.58 -11.74 1.53
N THR D 86 -17.00 -11.62 2.73
CA THR D 86 -17.04 -10.41 3.52
C THR D 86 -16.66 -9.20 2.64
N ARG D 87 -15.47 -9.22 2.08
CA ARG D 87 -15.06 -8.18 1.16
C ARG D 87 -16.18 -7.78 0.16
N PHE D 88 -16.93 -8.76 -0.31
CA PHE D 88 -17.97 -8.49 -1.32
C PHE D 88 -19.12 -7.76 -0.66
N ILE D 89 -19.46 -8.16 0.57
CA ILE D 89 -20.55 -7.51 1.27
C ILE D 89 -20.20 -6.12 1.79
N TRP D 90 -18.94 -5.96 2.24
CA TRP D 90 -18.38 -4.65 2.56
C TRP D 90 -18.61 -3.74 1.38
N ASN D 91 -18.12 -4.17 0.20
CA ASN D 91 -18.27 -3.40 -1.05
C ASN D 91 -19.72 -3.07 -1.46
N SER D 92 -20.59 -4.08 -1.39
CA SER D 92 -21.97 -3.86 -1.80
C SER D 92 -22.67 -2.94 -0.85
N TYR D 93 -22.45 -3.15 0.46
CA TYR D 93 -23.00 -2.23 1.51
C TYR D 93 -22.55 -0.77 1.32
N ILE D 94 -21.27 -0.57 1.13
CA ILE D 94 -20.72 0.74 0.91
C ILE D 94 -21.35 1.32 -0.32
N SER D 95 -21.42 0.54 -1.39
CA SER D 95 -21.96 1.08 -2.68
C SER D 95 -23.41 1.45 -2.64
N TRP D 96 -24.19 0.60 -1.97
CA TRP D 96 -25.61 0.88 -1.89
C TRP D 96 -25.72 2.25 -1.27
N GLY D 97 -24.95 2.48 -0.17
CA GLY D 97 -25.01 3.74 0.52
C GLY D 97 -24.48 4.85 -0.33
N LEU D 98 -23.38 4.58 -1.04
CA LEU D 98 -22.87 5.58 -2.00
C LEU D 98 -23.86 5.86 -3.10
N ASN D 99 -24.48 4.83 -3.68
CA ASN D 99 -25.47 5.04 -4.76
C ASN D 99 -26.86 5.54 -4.30
N HIS D 100 -27.27 5.21 -3.08
CA HIS D 100 -28.57 5.68 -2.56
C HIS D 100 -28.47 6.46 -1.22
N PRO D 101 -27.94 7.68 -1.27
CA PRO D 101 -27.67 8.39 -0.02
C PRO D 101 -28.95 8.68 0.80
N ALA D 102 -30.01 9.08 0.13
CA ALA D 102 -31.29 9.29 0.80
C ALA D 102 -31.80 8.00 1.55
N ARG D 103 -31.66 6.82 0.93
CA ARG D 103 -32.20 5.62 1.48
C ARG D 103 -31.30 5.21 2.64
N HIS D 104 -30.01 5.31 2.39
CA HIS D 104 -29.05 4.98 3.43
C HIS D 104 -29.29 5.80 4.73
N ARG D 105 -29.42 7.10 4.55
CA ARG D 105 -29.63 8.02 5.61
C ARG D 105 -30.93 7.65 6.36
N ALA D 106 -31.94 7.24 5.59
CA ALA D 106 -33.23 6.85 6.11
C ALA D 106 -33.10 5.64 6.94
N ILE D 107 -32.46 4.59 6.39
CA ILE D 107 -32.47 3.28 7.05
C ILE D 107 -31.68 3.38 8.37
N ARG D 108 -30.77 4.36 8.41
CA ARG D 108 -29.93 4.63 9.57
C ARG D 108 -30.81 5.17 10.65
N GLN D 109 -31.63 6.15 10.28
CA GLN D 109 -32.57 6.77 11.19
C GLN D 109 -33.66 5.81 11.62
N LEU D 110 -34.11 4.94 10.75
CA LEU D 110 -35.09 3.95 11.17
C LEU D 110 -34.56 2.95 12.23
N ALA D 111 -33.35 2.45 12.00
CA ALA D 111 -32.61 1.50 12.84
C ALA D 111 -32.25 1.98 14.25
N VAL D 112 -32.00 3.27 14.42
CA VAL D 112 -31.68 3.83 15.72
C VAL D 112 -32.92 4.55 16.28
N SER D 113 -34.10 4.08 15.92
CA SER D 113 -35.37 4.71 16.31
C SER D 113 -35.90 4.23 17.65
N GLU D 114 -35.54 3.00 18.04
CA GLU D 114 -36.10 2.36 19.22
C GLU D 114 -37.53 1.84 18.96
N LYS D 115 -38.00 1.92 17.74
CA LYS D 115 -39.38 1.57 17.47
C LYS D 115 -39.50 0.28 16.68
N LEU D 116 -38.37 -0.35 16.36
CA LEU D 116 -38.37 -1.67 15.70
C LEU D 116 -38.87 -2.83 16.57
N THR D 117 -39.84 -3.56 16.08
CA THR D 117 -40.37 -4.71 16.82
C THR D 117 -39.50 -5.97 16.69
N LYS D 118 -39.81 -7.00 17.45
CA LYS D 118 -39.04 -8.22 17.38
C LYS D 118 -39.45 -9.02 16.11
N GLU D 119 -40.69 -8.87 15.69
CA GLU D 119 -41.07 -9.43 14.41
C GLU D 119 -40.28 -8.77 13.30
N THR D 120 -40.15 -7.44 13.35
CA THR D 120 -39.39 -6.74 12.34
C THR D 120 -37.90 -7.22 12.31
N GLU D 121 -37.36 -7.57 13.48
CA GLU D 121 -35.99 -8.04 13.59
C GLU D 121 -35.81 -9.43 12.98
N GLN D 122 -36.73 -10.34 13.26
CA GLN D 122 -36.79 -11.63 12.55
C GLN D 122 -36.92 -11.49 11.06
N ARG D 123 -37.85 -10.70 10.57
CA ARG D 123 -37.92 -10.50 9.13
C ARG D 123 -36.55 -10.00 8.64
N ALA D 124 -35.88 -9.16 9.44
CA ALA D 124 -34.61 -8.59 9.01
C ALA D 124 -33.55 -9.69 8.81
N ASP D 125 -33.24 -10.45 9.88
CA ASP D 125 -32.34 -11.61 9.79
C ASP D 125 -32.81 -12.77 8.88
N ASP D 126 -33.78 -12.51 8.00
CA ASP D 126 -34.30 -13.58 7.14
C ASP D 126 -34.17 -13.21 5.70
N MET D 127 -33.90 -11.94 5.46
CA MET D 127 -33.81 -11.44 4.14
C MET D 127 -32.51 -11.96 3.51
N PHE D 128 -31.67 -12.55 4.36
CA PHE D 128 -30.40 -13.03 3.88
C PHE D 128 -29.77 -13.97 4.87
N PRO D 129 -30.42 -15.12 5.13
CA PRO D 129 -30.03 -16.00 6.28
C PRO D 129 -28.61 -16.52 6.22
N GLU D 130 -28.09 -16.67 5.00
CA GLU D 130 -26.77 -17.24 4.82
C GLU D 130 -25.67 -16.50 5.63
N LEU D 131 -25.67 -15.17 5.51
CA LEU D 131 -24.83 -14.27 6.30
C LEU D 131 -24.52 -14.78 7.70
N ARG D 132 -25.55 -15.18 8.44
CA ARG D 132 -25.37 -15.73 9.79
C ARG D 132 -24.23 -16.74 9.90
N ASP D 133 -24.25 -17.74 9.01
CA ASP D 133 -23.20 -18.78 8.98
C ASP D 133 -21.84 -18.20 8.64
N LEU D 134 -21.82 -17.25 7.70
CA LEU D 134 -20.61 -16.49 7.40
C LEU D 134 -20.03 -15.80 8.66
N CYS D 135 -20.89 -15.12 9.41
CA CYS D 135 -20.45 -14.44 10.60
C CYS D 135 -19.98 -15.48 11.63
N HIS D 136 -20.69 -16.61 11.70
CA HIS D 136 -20.33 -17.69 12.62
C HIS D 136 -18.98 -18.33 12.27
N ARG D 137 -18.66 -18.36 10.98
CA ARG D 137 -17.39 -18.90 10.51
C ARG D 137 -16.20 -18.00 10.82
N SER D 138 -16.37 -16.68 10.87
CA SER D 138 -15.22 -15.77 10.92
C SER D 138 -15.13 -14.82 12.11
N VAL D 139 -16.28 -14.28 12.50
CA VAL D 139 -16.33 -13.32 13.61
C VAL D 139 -15.96 -13.99 14.90
N LEU D 140 -15.10 -13.33 15.67
CA LEU D 140 -14.77 -13.71 17.03
C LEU D 140 -15.99 -14.18 17.81
N MET D 141 -15.83 -15.22 18.64
CA MET D 141 -16.90 -15.79 19.45
C MET D 141 -17.64 -14.71 20.26
N VAL D 142 -16.88 -13.84 20.95
CA VAL D 142 -17.49 -12.81 21.81
C VAL D 142 -18.46 -11.88 21.06
N PHE D 143 -18.21 -11.67 19.78
CA PHE D 143 -19.12 -10.81 19.07
C PHE D 143 -20.20 -11.57 18.44
N MET D 144 -20.31 -12.83 18.80
CA MET D 144 -21.38 -13.71 18.30
C MET D 144 -22.30 -14.16 19.43
N SER D 145 -21.83 -14.00 20.66
CA SER D 145 -22.71 -14.24 21.79
C SER D 145 -23.98 -13.39 21.74
N ASP D 146 -25.07 -13.92 22.28
CA ASP D 146 -26.36 -13.21 22.36
C ASP D 146 -26.22 -11.80 22.93
N GLU D 147 -25.27 -11.62 23.84
CA GLU D 147 -25.00 -10.32 24.49
C GLU D 147 -24.22 -9.26 23.66
N TYR D 148 -23.24 -9.66 22.84
CA TYR D 148 -22.42 -8.70 22.13
C TYR D 148 -22.50 -8.68 20.64
N ARG D 149 -23.47 -9.38 20.08
CA ARG D 149 -23.63 -9.39 18.64
C ARG D 149 -23.99 -8.00 18.14
N ALA D 150 -24.96 -7.35 18.78
CA ALA D 150 -25.40 -6.06 18.31
C ALA D 150 -24.22 -5.10 18.35
N PHE D 151 -23.42 -5.21 19.41
CA PHE D 151 -22.26 -4.35 19.56
C PHE D 151 -21.30 -4.70 18.47
N GLY D 152 -21.07 -5.99 18.27
CA GLY D 152 -20.19 -6.40 17.23
C GLY D 152 -20.68 -5.93 15.91
N ASP D 153 -21.99 -5.89 15.74
CA ASP D 153 -22.57 -5.43 14.49
C ASP D 153 -22.45 -3.90 14.40
N GLY D 154 -22.45 -3.21 15.56
CA GLY D 154 -22.29 -1.78 15.54
C GLY D 154 -20.90 -1.35 15.12
N LEU D 155 -19.90 -2.07 15.62
CA LEU D 155 -18.51 -1.80 15.26
C LEU D 155 -18.27 -2.03 13.80
N PHE D 156 -18.82 -3.13 13.24
CA PHE D 156 -18.69 -3.38 11.77
C PHE D 156 -19.30 -2.23 11.01
N LEU D 157 -20.56 -1.90 11.30
CA LEU D 157 -21.25 -0.76 10.64
C LEU D 157 -20.60 0.64 10.85
N ALA D 158 -20.09 0.94 12.05
CA ALA D 158 -19.43 2.22 12.24
C ALA D 158 -18.17 2.36 11.36
N LEU D 159 -17.39 1.31 11.25
CA LEU D 159 -16.27 1.30 10.37
C LEU D 159 -16.69 1.49 8.89
N ALA D 160 -17.73 0.78 8.43
CA ALA D 160 -18.17 0.87 7.01
C ALA D 160 -18.73 2.23 6.71
N GLU D 161 -19.39 2.85 7.74
CA GLU D 161 -19.97 4.18 7.59
C GLU D 161 -18.86 5.19 7.40
N THR D 162 -17.80 5.12 8.20
CA THR D 162 -16.73 6.07 8.08
C THR D 162 -16.03 5.88 6.75
N THR D 163 -15.77 4.63 6.39
CA THR D 163 -15.18 4.32 5.07
C THR D 163 -16.03 4.97 3.97
N MET D 164 -17.33 4.70 4.01
CA MET D 164 -18.33 5.25 3.09
C MET D 164 -18.21 6.76 3.02
N ASP D 165 -18.07 7.37 4.21
CA ASP D 165 -18.07 8.82 4.33
C ASP D 165 -16.84 9.39 3.66
N PHE D 166 -15.68 8.75 3.80
CA PHE D 166 -14.49 9.28 3.23
C PHE D 166 -14.42 8.93 1.73
N ALA D 167 -14.87 7.75 1.33
CA ALA D 167 -14.88 7.43 -0.08
C ALA D 167 -15.71 8.46 -0.80
N ALA D 168 -16.85 8.84 -0.24
CA ALA D 168 -17.71 9.79 -0.90
C ALA D 168 -17.03 11.12 -1.07
N ARG D 169 -16.39 11.61 -0.02
CA ARG D 169 -15.76 12.92 -0.09
C ARG D 169 -14.50 12.91 -0.96
N ASP D 170 -13.83 11.79 -1.10
CA ASP D 170 -12.64 11.70 -1.90
C ASP D 170 -12.66 10.50 -2.90
N PRO D 171 -13.37 10.65 -4.00
CA PRO D 171 -13.55 9.65 -5.06
C PRO D 171 -12.27 9.02 -5.60
N ALA D 172 -11.27 9.85 -5.93
CA ALA D 172 -10.04 9.28 -6.51
C ALA D 172 -9.50 8.21 -5.54
N ARG D 173 -9.75 8.42 -4.24
CA ARG D 173 -9.22 7.53 -3.21
C ARG D 173 -10.20 6.54 -2.64
N ALA D 174 -11.46 6.62 -3.04
CA ALA D 174 -12.47 5.74 -2.51
C ALA D 174 -11.99 4.30 -2.51
N GLY D 175 -11.41 3.86 -3.60
CA GLY D 175 -10.98 2.47 -3.68
C GLY D 175 -10.00 2.12 -2.62
N GLU D 176 -9.18 3.07 -2.22
CA GLU D 176 -8.16 2.79 -1.19
C GLU D 176 -8.80 2.80 0.23
N TYR D 177 -9.70 3.74 0.46
CA TYR D 177 -10.38 3.79 1.71
C TYR D 177 -11.15 2.51 2.00
N ILE D 178 -11.87 2.06 0.98
CA ILE D 178 -12.56 0.76 1.03
C ILE D 178 -11.64 -0.42 1.46
N ALA D 179 -10.45 -0.51 0.88
CA ALA D 179 -9.54 -1.65 1.24
C ALA D 179 -8.90 -1.50 2.59
N LEU D 180 -8.45 -0.29 2.90
CA LEU D 180 -7.90 0.02 4.20
C LEU D 180 -8.95 -0.20 5.27
N GLY D 181 -10.19 0.28 5.11
CA GLY D 181 -11.20 0.14 6.22
C GLY D 181 -11.56 -1.35 6.39
N PHE D 182 -11.72 -2.03 5.26
CA PHE D 182 -11.95 -3.45 5.28
C PHE D 182 -10.94 -4.17 6.14
N GLU D 183 -9.64 -3.88 5.91
CA GLU D 183 -8.59 -4.61 6.65
C GLU D 183 -8.61 -4.26 8.11
N ALA D 184 -8.96 -3.03 8.39
CA ALA D 184 -9.08 -2.62 9.77
C ALA D 184 -10.23 -3.36 10.43
N MET D 185 -11.38 -3.48 9.75
CA MET D 185 -12.48 -4.15 10.42
C MET D 185 -12.23 -5.66 10.57
N TRP D 186 -11.58 -6.24 9.57
CA TRP D 186 -11.14 -7.65 9.64
C TRP D 186 -10.24 -7.90 10.88
N ARG D 187 -9.18 -7.10 11.05
CA ARG D 187 -8.30 -7.27 12.20
C ARG D 187 -9.08 -7.12 13.47
N ALA D 188 -10.08 -6.26 13.45
CA ALA D 188 -10.76 -5.94 14.69
C ALA D 188 -11.82 -6.99 15.08
N LEU D 189 -12.41 -7.66 14.09
CA LEU D 189 -13.53 -8.50 14.39
C LEU D 189 -13.34 -10.01 14.15
N THR D 190 -12.36 -10.41 13.33
CA THR D 190 -12.24 -11.81 12.96
C THR D 190 -11.23 -12.54 13.82
N ARG D 191 -11.36 -13.88 13.78
CA ARG D 191 -10.46 -14.89 14.42
C ARG D 191 -9.00 -14.50 14.82
S SO4 E . 24.25 -16.66 -27.40
O1 SO4 E . 23.17 -17.13 -26.54
O2 SO4 E . 25.58 -17.17 -27.08
O3 SO4 E . 23.95 -17.05 -28.80
O4 SO4 E . 24.32 -15.22 -27.16
C1 DEQ F . 9.47 -1.43 -1.14
C2 DEQ F . 8.99 -0.17 -0.92
C3 DEQ F . 8.37 0.55 -1.91
C4 DEQ F . 8.23 -0.02 -3.14
C5 DEQ F . 9.33 -1.99 -2.39
C6 DEQ F . 8.71 -1.29 -3.37
C7 DEQ F . 8.55 -1.82 -4.60
C8 DEQ F . 9.01 -3.06 -4.84
C9 DEQ F . 9.63 -3.76 -3.86
N1 DEQ F . 9.79 -3.27 -2.57
C10 DEQ F . 15.40 -10.80 -6.67
C11 DEQ F . 15.49 -10.82 -5.22
N2 DEQ F . 16.66 -10.43 -4.64
C12 DEQ F . 17.73 -10.01 -5.42
C13 DEQ F . 17.61 -9.99 -6.80
C14 DEQ F . 16.45 -10.38 -7.42
C15 DEQ F . 14.25 -11.20 -7.26
C16 DEQ F . 13.20 -11.62 -6.48
C17 DEQ F . 13.25 -11.64 -5.11
C18 DEQ F . 14.41 -11.23 -4.48
C19 DEQ F . 16.66 -10.47 -3.21
C20 DEQ F . 15.30 -9.91 -2.85
C21 DEQ F . 15.05 -9.88 -1.37
C22 DEQ F . 13.85 -9.01 -1.14
C23 DEQ F . 14.15 -7.54 -1.34
C24 DEQ F . 12.98 -6.72 -0.87
C25 DEQ F . 13.46 -5.40 -0.33
C26 DEQ F . 12.32 -4.43 -0.21
C27 DEQ F . 11.28 -4.64 -1.28
C28 DEQ F . 11.16 -3.39 -2.12
C30 DEQ F . 10.11 -5.12 -4.20
C29 DEQ F . 19.02 -9.56 -4.81
N4 DEQ F . 7.89 -1.08 -5.67
N3 DEQ F . 16.29 -10.38 -8.87
S SO4 G . 29.16 -10.73 4.39
O1 SO4 G . 28.55 -10.10 5.54
O2 SO4 G . 29.56 -12.08 4.66
O3 SO4 G . 28.12 -10.77 3.36
O4 SO4 G . 30.36 -10.10 3.87
S SO4 H . -22.73 18.57 26.25
O1 SO4 H . -22.33 18.93 27.61
O2 SO4 H . -23.47 17.35 26.27
O3 SO4 H . -23.65 19.52 25.70
O4 SO4 H . -21.58 18.49 25.35
C1 DEQ I . -21.49 -9.20 7.53
C2 DEQ I . -20.46 -10.05 7.22
C3 DEQ I . -19.49 -10.30 8.14
C4 DEQ I . -19.55 -9.70 9.37
C5 DEQ I . -21.53 -8.59 8.75
C6 DEQ I . -20.57 -8.87 9.65
C7 DEQ I . -20.59 -8.30 10.87
C8 DEQ I . -21.62 -7.45 11.16
C9 DEQ I . -22.60 -7.18 10.25
N1 DEQ I . -22.62 -7.78 9.01
C10 DEQ I . -26.93 1.04 12.57
C11 DEQ I . -27.58 0.38 11.45
N2 DEQ I . -27.43 0.92 10.22
C12 DEQ I . -26.66 2.07 10.06
C13 DEQ I . -26.04 2.68 11.11
C14 DEQ I . -26.18 2.15 12.36
C15 DEQ I . -27.07 0.52 13.81
C16 DEQ I . -27.83 -0.61 13.94
C17 DEQ I . -28.46 -1.25 12.91
C18 DEQ I . -28.34 -0.75 11.65
C19 DEQ I . -28.09 0.27 9.11
C20 DEQ I . -28.16 -1.20 9.41
C21 DEQ I . -28.51 -1.96 8.17
C22 DEQ I . -28.18 -3.43 8.37
C23 DEQ I . -27.17 -3.79 7.33
C24 DEQ I . -26.26 -4.88 7.84
C25 DEQ I . -24.92 -4.74 7.16
C26 DEQ I . -24.51 -5.99 6.42
C27 DEQ I . -24.18 -7.11 7.37
C28 DEQ I . -22.81 -6.85 7.93
C30 DEQ I . -23.69 -6.25 10.62
C29 DEQ I . -26.51 2.66 8.71
N4 DEQ I . -19.51 -8.61 11.83
N3 DEQ I . -25.56 2.75 13.54
S SO4 J . -31.91 7.93 -3.02
O1 SO4 J . -33.37 8.04 -2.89
O2 SO4 J . -31.51 7.11 -4.18
O3 SO4 J . -31.28 9.25 -3.08
O4 SO4 J . -31.45 7.23 -1.86
#